data_5M6U
#
_entry.id   5M6U
#
_cell.length_a   92.493
_cell.length_b   113.212
_cell.length_c   144.321
_cell.angle_alpha   90.000
_cell.angle_beta   90.000
_cell.angle_gamma   90.000
#
_symmetry.space_group_name_H-M   'P 21 21 21'
#
loop_
_entity.id
_entity.type
_entity.pdbx_description
1 polymer 'Phosphatidylinositol 4,5-bisphosphate 3-kinase catalytic subunit delta isoform'
2 polymer 'Phosphatidylinositol 3-kinase regulatory subunit alpha'
3 non-polymer 4-azanyl-6-[[(1~{S})-1-(4-oxidanylidene-3-phenyl-pyrrolo[2,1-f][1,2,4]triazin-2-yl)ethyl]amino]pyrimidine-5-carbonitrile
#
loop_
_entity_poly.entity_id
_entity_poly.type
_entity_poly.pdbx_seq_one_letter_code
_entity_poly.pdbx_strand_id
1 'polypeptide(L)'
;NQSVVVDFLLPTGVYLNFPVSRNANLSTIKQLLWHRAQYEPLFHMLSGPEAYVFTCINQTAEQQELEDEQRRLCDVQPFL
PVLRLVAREGDRVKKLINSQISLLIGKGLHEFDSLCDPEVNDFRAKMCQFCEEAAARRQQLGWEAWLQYSFPLQLEPSAQ
TWGPGTLRLPNRALLVNVKFEGSEESFTFQVSTKDVPLALMACALRKKATVFRQPLVEQPEDYTLQVNGRHEYLYGSYPL
CQFQYICSCLHSGLTPHLTMVHSSSILAMRDEQSNPAPQVQKPRAKPPPIPAKKPSSVSLWSLEQPFRIELIQGSKVNAD
ERMKLVVQAGLFHGNEMLCKTVSSSEVSVCSEPVWKQRLEFDINICDLPRMARLCFALYAVIEKAKKARSTKKKSKKADC
PIAWANLMLFDYKDQLKTGERCLYMWPSVPDEKGELLNPTGTVRSNPNTDSAAALLICLPEVAPHPVYYPALEKILELGR
HSECVHVTEEEQLQLREILERRGSGELYEHEKDLVWKLRHEVQEHFPEALARLLLVTKWNKHEDVAQMLYLLCSWPELPV
LSALELLDFSFPDCHVGSFAIKSLRKLTDDELFQYLLQLVQVLKYESYLDCELTKFLLDRALANRKIGHFLFWHLRSEMH
VPSVALRFGLILEAYCRGSTHHMKVLMKQGEALSKLKALNDFVKLSSQKTPKPQTKELMHLCMRQEAYLEALSHLQSPLD
PSTLLAEVCVEQCTFMDSKMKPLWIMYSNEEAGSGGSVGIIFKNGDDLRQDMLTLQMIQLMDVLWKQEGLDLRMTPYGCL
PTGDRTGLIEVVLRSDTIANIQLNKSNMAATAAFNKDALLNWLKSKNPGEALDRAIEEFTLSCAGYCVATYVLGIGDRHS
DNIMIRESGQLFHIDFGHFLGNFKTKFGINRERVPFILTYDFVHVIQQGKTNNSEKFERFRGYCERAYTILRRHGLLFLH
LFALMRAAGLPELSCSKDIQYLKDSLALGKTEEEALKHFRVKFNEALRESW
;
A
2 'polypeptide(L)'
;MSAEGYQYRALYDYKKEREEDIDLHLGDILTVNKGSLVALGFSDGQEARPEEIGWLNGYNETTGERGDFPGTYVEYIGRK
KISPPTPKPRPPRPLPVAPGSSKTEADVEQQALTLPDLAEQFAPPDIAPPLLIKLVEAIEKKGLECSTLYRTQSSSNLAE
LRQLLDCDTPSVDLEMIDVHVLADAFKRYLLDLPNPVIPAAVYSEMISLAPEVQSSEEYIQLLKKLIRSPSIPHQYWLTL
QYLLKHFFKLSQTSSKNLLNARVLSEIFSPMLFRFSAASSDNTENLIKVIEILISTEWNERQPAPALPPKPPKPTTVANN
GMNNNMSLQDAEWYWGDISREEVNEKLRDTADGTFLVRDASTKMHGDYTLTLRKGGNNKLIKIFHRDGKYGFSDPLTFSS
VVELINHYRNESLAQYNPKLDVKLLYPVSKYQQDQVVKEDNIEAVGKKLHEYNTQFQEKSREYDRLYEDYTRTSQEIQMK
RTAIEAFNETIKIFEEQCQTQERYSKEYIEKFKREGNETEIQRIMHNYEKLKSRISEIVDSRRRLEEDLKKQAAEYREID
KRMNSIKPDLIQLRKTRDQYLMWLTQKGVRQKKLNEWLGNENTEDQYSLVEDDEDLPHHDEKTWNVGSSNRNKAENLLRG
KRDGTFLVRESSKQGCYACSVVVDGEVKHCVINKTATGYGFAEPYNLYSSLKELVLHYQHTSLVQHNDSLNVTLAYPVYA
QQRR
;
B
#
# COMPACT_ATOMS: atom_id res chain seq x y z
N ASN A 1 -31.63 4.22 17.62
CA ASN A 1 -33.05 3.98 17.24
C ASN A 1 -33.18 3.11 15.99
N GLN A 2 -33.99 2.06 16.07
CA GLN A 2 -34.07 1.01 15.03
C GLN A 2 -34.72 1.45 13.72
N SER A 3 -35.61 2.45 13.79
CA SER A 3 -36.28 3.01 12.59
C SER A 3 -35.82 4.44 12.32
N VAL A 4 -35.90 4.85 11.05
CA VAL A 4 -35.48 6.18 10.60
C VAL A 4 -36.60 6.88 9.84
N VAL A 5 -36.87 8.11 10.24
CA VAL A 5 -37.69 9.04 9.46
C VAL A 5 -36.96 9.40 8.17
N VAL A 6 -37.61 9.15 7.02
CA VAL A 6 -37.01 9.34 5.69
C VAL A 6 -37.76 10.38 4.87
N ASP A 7 -37.01 11.28 4.22
CA ASP A 7 -37.61 12.27 3.31
C ASP A 7 -37.78 11.66 1.92
N PHE A 8 -38.99 11.72 1.39
CA PHE A 8 -39.30 11.24 0.05
C PHE A 8 -39.68 12.41 -0.84
N LEU A 9 -39.01 12.49 -1.99
CA LEU A 9 -39.23 13.52 -2.98
C LEU A 9 -39.85 12.88 -4.24
N LEU A 10 -41.15 13.08 -4.41
CA LEU A 10 -41.87 12.62 -5.62
C LEU A 10 -41.55 13.53 -6.81
N PRO A 11 -41.63 12.99 -8.04
CA PRO A 11 -41.26 13.72 -9.27
C PRO A 11 -42.17 14.89 -9.63
N THR A 12 -43.40 14.88 -9.11
CA THR A 12 -44.32 16.02 -9.21
C THR A 12 -43.92 17.26 -8.41
N GLY A 13 -42.91 17.14 -7.54
CA GLY A 13 -42.56 18.19 -6.58
C GLY A 13 -43.14 17.95 -5.18
N VAL A 14 -43.93 16.88 -5.04
CA VAL A 14 -44.57 16.54 -3.77
C VAL A 14 -43.55 15.88 -2.84
N TYR A 15 -43.73 16.15 -1.55
CA TYR A 15 -42.82 15.80 -0.50
C TYR A 15 -43.58 15.01 0.56
N LEU A 16 -43.06 13.81 0.86
CA LEU A 16 -43.62 12.91 1.88
C LEU A 16 -42.49 12.60 2.87
N ASN A 17 -42.85 12.32 4.12
CA ASN A 17 -41.88 12.09 5.20
C ASN A 17 -42.45 11.17 6.30
N PHE A 18 -41.84 10.01 6.50
CA PHE A 18 -42.32 9.04 7.51
C PHE A 18 -41.25 8.02 7.92
N PRO A 19 -41.47 7.28 9.02
CA PRO A 19 -40.50 6.28 9.45
C PRO A 19 -40.51 4.99 8.63
N VAL A 20 -39.31 4.43 8.43
CA VAL A 20 -39.12 3.06 7.95
C VAL A 20 -38.07 2.39 8.81
N SER A 21 -37.95 1.07 8.68
CA SER A 21 -36.93 0.33 9.43
C SER A 21 -35.58 0.47 8.73
N ARG A 22 -34.52 0.56 9.53
CA ARG A 22 -33.14 0.63 9.02
C ARG A 22 -32.74 -0.56 8.16
N ASN A 23 -33.22 -1.76 8.53
CA ASN A 23 -32.94 -3.01 7.81
C ASN A 23 -33.90 -3.31 6.66
N ALA A 24 -34.87 -2.42 6.41
CA ALA A 24 -35.82 -2.57 5.29
C ALA A 24 -35.12 -2.26 3.98
N ASN A 25 -35.45 -3.02 2.93
CA ASN A 25 -34.83 -2.84 1.62
C ASN A 25 -35.61 -1.85 0.77
N LEU A 26 -34.96 -1.35 -0.27
CA LEU A 26 -35.52 -0.25 -1.06
C LEU A 26 -36.81 -0.65 -1.78
N SER A 27 -36.90 -1.90 -2.20
CA SER A 27 -38.13 -2.41 -2.81
C SER A 27 -39.32 -2.33 -1.84
N THR A 28 -39.09 -2.71 -0.58
CA THR A 28 -40.11 -2.57 0.46
C THR A 28 -40.46 -1.11 0.78
N ILE A 29 -39.45 -0.25 0.81
CA ILE A 29 -39.63 1.18 1.09
C ILE A 29 -40.57 1.80 0.07
N LYS A 30 -40.39 1.42 -1.19
CA LYS A 30 -41.18 1.92 -2.30
C LYS A 30 -42.65 1.50 -2.23
N GLN A 31 -42.91 0.30 -1.73
CA GLN A 31 -44.27 -0.17 -1.46
C GLN A 31 -44.93 0.69 -0.38
N LEU A 32 -44.20 0.97 0.71
CA LEU A 32 -44.70 1.84 1.78
C LEU A 32 -44.85 3.28 1.29
N LEU A 33 -43.95 3.73 0.41
CA LEU A 33 -44.03 5.08 -0.15
C LEU A 33 -45.30 5.25 -0.96
N TRP A 34 -45.56 4.30 -1.86
CA TRP A 34 -46.76 4.34 -2.71
C TRP A 34 -48.03 4.35 -1.91
N HIS A 35 -48.08 3.50 -0.89
CA HIS A 35 -49.22 3.41 0.00
C HIS A 35 -49.52 4.75 0.69
N ARG A 36 -48.47 5.50 0.99
CA ARG A 36 -48.63 6.80 1.63
C ARG A 36 -49.00 7.85 0.59
N ALA A 37 -48.31 7.80 -0.56
CA ALA A 37 -48.57 8.68 -1.72
C ALA A 37 -50.05 8.84 -2.10
N GLN A 38 -50.78 7.73 -2.12
CA GLN A 38 -52.24 7.72 -2.36
C GLN A 38 -52.92 8.91 -1.71
N TYR A 39 -52.56 9.15 -0.46
CA TYR A 39 -53.20 10.16 0.37
C TYR A 39 -52.45 11.50 0.35
N GLU A 40 -51.74 11.78 -0.75
CA GLU A 40 -51.15 13.09 -0.98
C GLU A 40 -51.57 13.63 -2.35
N PRO A 41 -51.31 14.91 -2.61
CA PRO A 41 -51.63 15.48 -3.92
C PRO A 41 -50.86 14.89 -5.08
N LEU A 42 -51.46 14.96 -6.26
CA LEU A 42 -50.82 14.64 -7.55
C LEU A 42 -50.52 13.17 -7.75
N PHE A 43 -51.10 12.31 -6.90
CA PHE A 43 -50.85 10.86 -7.02
C PHE A 43 -51.22 10.29 -8.39
N HIS A 44 -52.34 10.75 -8.95
CA HIS A 44 -52.87 10.19 -10.22
C HIS A 44 -51.97 10.46 -11.43
N MET A 45 -51.15 11.51 -11.35
CA MET A 45 -50.22 11.85 -12.43
C MET A 45 -48.96 10.97 -12.41
N LEU A 46 -48.64 10.37 -11.27
CA LEU A 46 -47.49 9.48 -11.17
C LEU A 46 -47.71 8.24 -12.01
N SER A 47 -46.63 7.73 -12.60
CA SER A 47 -46.61 6.39 -13.17
C SER A 47 -46.58 5.36 -12.03
N GLY A 48 -46.55 4.08 -12.36
CA GLY A 48 -46.40 3.02 -11.35
C GLY A 48 -45.01 2.97 -10.70
N PRO A 49 -44.87 2.30 -9.53
CA PRO A 49 -43.59 2.17 -8.81
C PRO A 49 -42.41 1.79 -9.68
N GLU A 50 -42.61 0.75 -10.49
CA GLU A 50 -41.53 0.24 -11.32
C GLU A 50 -41.04 1.19 -12.42
N ALA A 51 -41.78 2.26 -12.70
CA ALA A 51 -41.31 3.27 -13.68
C ALA A 51 -40.20 4.14 -13.10
N TYR A 52 -40.09 4.15 -11.76
CA TYR A 52 -39.14 5.00 -11.04
C TYR A 52 -38.03 4.25 -10.32
N VAL A 53 -37.00 5.01 -9.95
CA VAL A 53 -35.81 4.50 -9.26
C VAL A 53 -35.28 5.55 -8.28
N PHE A 54 -34.99 5.11 -7.05
CA PHE A 54 -34.51 6.00 -6.00
C PHE A 54 -33.12 6.56 -6.28
N THR A 55 -32.92 7.78 -5.78
CA THR A 55 -31.65 8.51 -5.82
C THR A 55 -31.38 8.97 -4.39
N CYS A 56 -30.11 9.02 -4.02
CA CYS A 56 -29.70 9.53 -2.72
C CYS A 56 -28.34 10.19 -2.85
N ILE A 57 -27.83 10.70 -1.73
CA ILE A 57 -26.47 11.20 -1.67
C ILE A 57 -25.63 10.28 -0.81
N ASN A 58 -24.52 9.80 -1.39
CA ASN A 58 -23.54 8.90 -0.74
C ASN A 58 -22.91 9.41 0.54
N GLN A 59 -22.20 8.50 1.20
CA GLN A 59 -21.29 8.86 2.28
C GLN A 59 -20.09 9.66 1.76
N THR A 60 -19.68 9.35 0.52
CA THR A 60 -18.72 10.13 -0.24
C THR A 60 -19.26 11.43 -0.86
N ALA A 61 -20.51 11.81 -0.56
CA ALA A 61 -21.10 13.09 -0.97
C ALA A 61 -21.33 13.21 -2.49
N GLU A 62 -21.94 12.18 -3.08
CA GLU A 62 -22.27 12.12 -4.52
C GLU A 62 -23.63 11.47 -4.74
N GLN A 63 -24.33 11.93 -5.78
CA GLN A 63 -25.58 11.32 -6.19
C GLN A 63 -25.38 9.89 -6.70
N GLN A 64 -26.16 8.97 -6.13
CA GLN A 64 -26.09 7.56 -6.49
C GLN A 64 -27.46 7.08 -6.93
N GLU A 65 -27.53 6.43 -8.08
CA GLU A 65 -28.76 5.79 -8.53
C GLU A 65 -28.80 4.38 -7.97
N LEU A 66 -29.83 4.10 -7.19
CA LEU A 66 -29.99 2.84 -6.48
C LEU A 66 -30.77 1.82 -7.34
N GLU A 67 -30.11 1.32 -8.38
CA GLU A 67 -30.73 0.35 -9.30
C GLU A 67 -31.15 -0.96 -8.62
N ASP A 68 -30.28 -1.48 -7.76
CA ASP A 68 -30.53 -2.74 -7.05
C ASP A 68 -31.39 -2.48 -5.82
N GLU A 69 -32.68 -2.80 -5.92
CA GLU A 69 -33.65 -2.51 -4.86
C GLU A 69 -33.73 -3.58 -3.75
N GLN A 70 -32.86 -4.58 -3.82
CA GLN A 70 -32.77 -5.56 -2.75
C GLN A 70 -31.84 -5.13 -1.62
N ARG A 71 -31.09 -4.04 -1.82
CA ARG A 71 -30.20 -3.54 -0.78
C ARG A 71 -31.00 -2.94 0.38
N ARG A 72 -30.54 -3.16 1.61
CA ARG A 72 -31.15 -2.58 2.81
C ARG A 72 -30.78 -1.11 2.90
N LEU A 73 -31.63 -0.31 3.55
CA LEU A 73 -31.40 1.13 3.73
C LEU A 73 -30.16 1.40 4.54
N CYS A 74 -29.94 0.59 5.58
CA CYS A 74 -28.73 0.71 6.40
C CYS A 74 -27.47 0.34 5.61
N ASP A 75 -27.60 -0.56 4.65
CA ASP A 75 -26.49 -0.95 3.76
C ASP A 75 -26.20 0.08 2.69
N VAL A 76 -27.23 0.77 2.21
CA VAL A 76 -27.04 1.84 1.23
C VAL A 76 -26.32 3.01 1.90
N GLN A 77 -26.72 3.29 3.15
CA GLN A 77 -26.05 4.24 4.01
C GLN A 77 -26.02 5.65 3.39
N PRO A 78 -27.22 6.23 3.17
CA PRO A 78 -27.29 7.57 2.64
C PRO A 78 -26.90 8.58 3.71
N PHE A 79 -26.36 9.72 3.26
CA PHE A 79 -25.81 10.75 4.15
C PHE A 79 -26.87 11.19 5.15
N LEU A 80 -27.94 11.80 4.66
CA LEU A 80 -29.18 11.96 5.42
C LEU A 80 -30.19 11.03 4.77
N PRO A 81 -31.22 10.60 5.52
CA PRO A 81 -32.20 9.69 4.92
C PRO A 81 -33.16 10.42 3.97
N VAL A 82 -32.66 10.69 2.77
CA VAL A 82 -33.40 11.38 1.75
C VAL A 82 -33.32 10.54 0.47
N LEU A 83 -34.49 10.07 0.02
CA LEU A 83 -34.62 9.31 -1.21
C LEU A 83 -35.42 10.14 -2.22
N ARG A 84 -34.96 10.21 -3.46
CA ARG A 84 -35.63 10.97 -4.51
C ARG A 84 -35.87 10.11 -5.76
N LEU A 85 -37.12 10.07 -6.21
CA LEU A 85 -37.49 9.26 -7.36
C LEU A 85 -37.16 9.96 -8.66
N VAL A 86 -36.61 9.20 -9.62
CA VAL A 86 -36.30 9.70 -10.96
C VAL A 86 -36.69 8.64 -11.98
N ALA A 87 -36.64 9.00 -13.26
CA ALA A 87 -36.99 8.06 -14.34
C ALA A 87 -36.00 6.90 -14.39
N ARG A 88 -36.54 5.67 -14.27
CA ARG A 88 -35.75 4.42 -14.39
C ARG A 88 -34.90 4.37 -15.64
N GLU A 89 -35.48 4.75 -16.78
CA GLU A 89 -34.72 4.93 -18.03
C GLU A 89 -33.83 6.18 -17.91
N GLY A 90 -32.53 6.06 -18.22
CA GLY A 90 -31.62 7.21 -18.16
C GLY A 90 -30.13 6.92 -18.21
N ASP A 91 -29.70 6.17 -19.24
CA ASP A 91 -28.26 5.93 -19.52
C ASP A 91 -27.47 5.48 -18.27
N ARG A 92 -27.99 4.46 -17.61
CA ARG A 92 -27.47 4.01 -16.31
C ARG A 92 -26.06 3.37 -16.30
N VAL A 93 -25.60 2.87 -17.46
CA VAL A 93 -24.39 2.05 -17.53
C VAL A 93 -23.15 2.68 -16.88
N LYS A 94 -22.79 3.88 -17.34
CA LYS A 94 -21.69 4.65 -16.75
C LYS A 94 -22.02 5.20 -15.36
N LYS A 95 -23.30 5.48 -15.09
CA LYS A 95 -23.72 6.06 -13.81
C LYS A 95 -23.47 5.10 -12.65
N LEU A 96 -23.97 3.88 -12.78
CA LEU A 96 -23.86 2.87 -11.71
C LEU A 96 -22.42 2.42 -11.45
N ILE A 97 -21.58 2.39 -12.49
CA ILE A 97 -20.16 2.08 -12.33
C ILE A 97 -19.47 3.15 -11.49
N ASN A 98 -19.50 4.39 -11.98
CA ASN A 98 -18.86 5.53 -11.31
C ASN A 98 -19.21 5.60 -9.82
N SER A 99 -20.48 5.33 -9.51
CA SER A 99 -20.94 5.24 -8.14
C SER A 99 -20.15 4.20 -7.35
N GLN A 100 -20.04 3.00 -7.90
CA GLN A 100 -19.39 1.87 -7.22
C GLN A 100 -17.89 2.12 -7.00
N ILE A 101 -17.21 2.54 -8.06
CA ILE A 101 -15.80 2.93 -7.99
C ILE A 101 -15.53 3.89 -6.84
N SER A 102 -16.33 4.94 -6.71
CA SER A 102 -16.16 5.93 -5.63
C SER A 102 -16.25 5.30 -4.25
N LEU A 103 -17.28 4.48 -4.05
CA LEU A 103 -17.50 3.81 -2.77
C LEU A 103 -16.50 2.68 -2.50
N LEU A 104 -15.88 2.15 -3.57
CA LEU A 104 -14.90 1.07 -3.48
C LEU A 104 -13.49 1.56 -3.19
N ILE A 105 -13.05 2.60 -3.90
CA ILE A 105 -11.75 3.20 -3.63
C ILE A 105 -11.79 4.11 -2.38
N GLY A 106 -12.98 4.51 -1.94
CA GLY A 106 -13.14 5.36 -0.75
C GLY A 106 -13.25 6.85 -1.04
N LYS A 107 -12.42 7.32 -1.97
CA LYS A 107 -12.47 8.71 -2.46
C LYS A 107 -13.57 8.87 -3.53
N GLY A 108 -14.31 9.97 -3.46
CA GLY A 108 -15.31 10.32 -4.47
C GLY A 108 -14.64 10.77 -5.76
N LEU A 109 -15.09 10.21 -6.89
CA LEU A 109 -14.51 10.53 -8.21
C LEU A 109 -14.66 11.99 -8.60
N HIS A 110 -15.69 12.67 -8.08
CA HIS A 110 -15.85 14.12 -8.21
C HIS A 110 -14.64 14.91 -7.69
N GLU A 111 -13.95 14.35 -6.68
CA GLU A 111 -12.79 15.01 -6.09
C GLU A 111 -11.63 15.10 -7.08
N PHE A 112 -11.59 14.24 -8.09
CA PHE A 112 -10.63 14.36 -9.20
C PHE A 112 -11.04 15.51 -10.13
N ASP A 113 -12.29 15.47 -10.59
CA ASP A 113 -12.88 16.53 -11.45
C ASP A 113 -12.62 17.94 -10.90
N SER A 114 -12.88 18.11 -9.60
CA SER A 114 -12.75 19.39 -8.90
C SER A 114 -11.34 19.99 -8.89
N LEU A 115 -10.32 19.16 -9.14
CA LEU A 115 -8.93 19.64 -9.21
C LEU A 115 -8.68 20.60 -10.37
N CYS A 116 -9.46 20.47 -11.45
CA CYS A 116 -9.30 21.30 -12.64
C CYS A 116 -7.86 21.25 -13.14
N ASP A 117 -7.35 20.03 -13.30
CA ASP A 117 -5.95 19.76 -13.60
C ASP A 117 -5.86 18.96 -14.90
N PRO A 118 -5.18 19.50 -15.94
CA PRO A 118 -5.11 18.76 -17.20
C PRO A 118 -4.37 17.42 -17.14
N GLU A 119 -3.29 17.35 -16.35
CA GLU A 119 -2.55 16.08 -16.14
C GLU A 119 -3.47 14.99 -15.60
N VAL A 120 -4.21 15.32 -14.56
CA VAL A 120 -5.18 14.40 -13.98
C VAL A 120 -6.19 14.00 -15.06
N ASN A 121 -6.77 15.00 -15.72
CA ASN A 121 -7.78 14.79 -16.76
C ASN A 121 -7.32 13.89 -17.90
N ASP A 122 -6.11 14.13 -18.39
CA ASP A 122 -5.51 13.28 -19.44
C ASP A 122 -5.41 11.83 -18.98
N PHE A 123 -4.80 11.62 -17.82
CA PHE A 123 -4.62 10.28 -17.24
C PHE A 123 -5.94 9.53 -17.22
N ARG A 124 -6.96 10.16 -16.66
CA ARG A 124 -8.27 9.53 -16.56
C ARG A 124 -8.86 9.22 -17.93
N ALA A 125 -8.52 10.03 -18.94
CA ALA A 125 -8.96 9.77 -20.32
C ALA A 125 -8.22 8.57 -20.91
N LYS A 126 -6.89 8.64 -20.91
CA LYS A 126 -6.04 7.64 -21.59
C LYS A 126 -6.17 6.23 -21.00
N MET A 127 -6.10 6.13 -19.67
CA MET A 127 -6.07 4.83 -19.00
C MET A 127 -7.43 4.16 -18.95
N CYS A 128 -8.48 4.92 -18.64
CA CYS A 128 -9.82 4.36 -18.62
C CYS A 128 -10.25 3.84 -20.01
N GLN A 129 -9.77 4.48 -21.07
CA GLN A 129 -9.92 3.95 -22.43
C GLN A 129 -9.13 2.65 -22.60
N PHE A 130 -7.86 2.66 -22.18
CA PHE A 130 -6.96 1.50 -22.29
C PHE A 130 -7.47 0.27 -21.51
N CYS A 131 -7.96 0.53 -20.31
CA CYS A 131 -8.46 -0.53 -19.44
C CYS A 131 -9.77 -1.06 -19.94
N GLU A 132 -10.67 -0.17 -20.40
CA GLU A 132 -11.87 -0.59 -21.12
C GLU A 132 -11.47 -1.44 -22.32
N GLU A 133 -10.58 -0.88 -23.15
CA GLU A 133 -10.06 -1.57 -24.35
C GLU A 133 -9.59 -3.00 -24.07
N ALA A 134 -8.83 -3.16 -22.99
CA ALA A 134 -8.35 -4.47 -22.54
C ALA A 134 -9.52 -5.39 -22.19
N ALA A 135 -10.39 -4.88 -21.31
CA ALA A 135 -11.61 -5.58 -20.89
C ALA A 135 -12.43 -6.13 -22.07
N ALA A 136 -12.58 -5.31 -23.11
CA ALA A 136 -13.30 -5.72 -24.31
C ALA A 136 -12.60 -6.89 -25.01
N ARG A 137 -11.27 -6.81 -25.10
CA ARG A 137 -10.46 -7.93 -25.65
C ARG A 137 -10.50 -9.18 -24.77
N ARG A 138 -10.76 -9.01 -23.48
CA ARG A 138 -10.96 -10.14 -22.58
C ARG A 138 -12.27 -10.86 -22.93
N GLN A 139 -13.36 -10.11 -22.94
CA GLN A 139 -14.68 -10.63 -23.31
C GLN A 139 -14.74 -11.19 -24.74
N GLN A 140 -13.93 -10.62 -25.65
CA GLN A 140 -13.84 -11.09 -27.04
C GLN A 140 -13.21 -12.47 -27.17
N LEU A 141 -12.21 -12.75 -26.33
CA LEU A 141 -11.57 -14.06 -26.26
C LEU A 141 -12.51 -15.12 -25.67
N GLY A 142 -12.16 -16.38 -25.88
CA GLY A 142 -13.03 -17.51 -25.55
C GLY A 142 -12.96 -18.01 -24.12
N TRP A 143 -13.08 -19.33 -23.95
CA TRP A 143 -13.15 -19.99 -22.64
C TRP A 143 -11.77 -20.26 -22.03
N GLU A 144 -10.79 -20.62 -22.89
CA GLU A 144 -9.44 -20.91 -22.43
C GLU A 144 -8.74 -19.66 -21.88
N ALA A 145 -8.79 -18.58 -22.67
CA ALA A 145 -8.20 -17.28 -22.31
C ALA A 145 -8.75 -16.73 -21.00
N TRP A 146 -10.08 -16.73 -20.88
CA TRP A 146 -10.75 -16.18 -19.70
C TRP A 146 -10.48 -16.97 -18.42
N LEU A 147 -10.44 -18.30 -18.52
CA LEU A 147 -10.03 -19.16 -17.40
C LEU A 147 -8.61 -18.83 -16.95
N GLN A 148 -7.71 -18.61 -17.93
CA GLN A 148 -6.31 -18.22 -17.64
C GLN A 148 -6.24 -16.90 -16.90
N TYR A 149 -6.99 -15.92 -17.39
CA TYR A 149 -7.15 -14.63 -16.73
C TYR A 149 -7.72 -14.78 -15.31
N SER A 150 -8.87 -15.43 -15.22
CA SER A 150 -9.67 -15.42 -14.00
C SER A 150 -8.92 -16.03 -12.83
N PHE A 151 -8.40 -17.23 -13.04
CA PHE A 151 -7.69 -18.00 -12.01
C PHE A 151 -6.44 -18.64 -12.62
N PRO A 152 -5.28 -17.93 -12.57
CA PRO A 152 -4.04 -18.46 -13.09
C PRO A 152 -3.59 -19.72 -12.36
N LEU A 153 -2.67 -20.45 -12.98
CA LEU A 153 -2.19 -21.72 -12.46
C LEU A 153 -1.34 -21.47 -11.22
N GLN A 154 -1.69 -22.16 -10.13
CA GLN A 154 -0.87 -22.16 -8.92
C GLN A 154 0.10 -23.35 -8.96
N LEU A 155 1.32 -23.10 -9.41
CA LEU A 155 2.34 -24.16 -9.63
C LEU A 155 3.56 -24.01 -8.71
N GLU A 156 4.20 -25.14 -8.41
CA GLU A 156 5.43 -25.17 -7.58
C GLU A 156 6.65 -24.73 -8.39
N PRO A 157 7.75 -24.31 -7.71
CA PRO A 157 8.95 -23.87 -8.42
C PRO A 157 9.91 -25.02 -8.69
N LEU A 174 -0.37 -43.02 -4.24
CA LEU A 174 -1.32 -41.92 -4.32
C LEU A 174 -2.50 -42.20 -5.25
N LEU A 175 -3.61 -41.52 -5.01
CA LEU A 175 -4.85 -41.66 -5.81
C LEU A 175 -5.40 -40.30 -6.21
N VAL A 176 -6.45 -40.30 -7.03
CA VAL A 176 -7.13 -39.07 -7.47
C VAL A 176 -8.65 -39.29 -7.59
N ASN A 177 -9.42 -38.58 -6.75
CA ASN A 177 -10.89 -38.71 -6.71
C ASN A 177 -11.57 -37.61 -7.55
N VAL A 178 -11.71 -37.88 -8.85
CA VAL A 178 -12.42 -36.97 -9.77
C VAL A 178 -13.93 -37.22 -9.70
N LYS A 179 -14.71 -36.24 -10.13
CA LYS A 179 -16.18 -36.38 -10.20
C LYS A 179 -16.81 -35.38 -11.18
N PHE A 180 -17.96 -35.78 -11.76
CA PHE A 180 -18.72 -34.91 -12.66
C PHE A 180 -19.49 -33.85 -11.85
N GLU A 181 -19.69 -32.69 -12.45
CA GLU A 181 -20.29 -31.54 -11.77
C GLU A 181 -21.79 -31.74 -11.55
N GLY A 182 -22.29 -31.21 -10.43
CA GLY A 182 -23.71 -31.31 -10.07
C GLY A 182 -24.12 -32.72 -9.66
N SER A 183 -23.32 -33.33 -8.78
CA SER A 183 -23.58 -34.68 -8.27
C SER A 183 -22.99 -34.86 -6.88
N GLU A 184 -23.79 -35.42 -5.96
CA GLU A 184 -23.32 -35.75 -4.61
C GLU A 184 -22.42 -36.99 -4.65
N GLU A 185 -22.87 -38.04 -5.33
CA GLU A 185 -22.11 -39.29 -5.46
C GLU A 185 -20.90 -39.13 -6.38
N SER A 186 -19.79 -39.79 -6.02
CA SER A 186 -18.53 -39.71 -6.77
C SER A 186 -17.89 -41.10 -6.96
N PHE A 187 -16.83 -41.15 -7.76
CA PHE A 187 -16.08 -42.37 -8.04
C PHE A 187 -14.60 -42.15 -7.77
N THR A 188 -14.04 -42.92 -6.83
CA THR A 188 -12.64 -42.79 -6.42
C THR A 188 -11.70 -43.57 -7.34
N PHE A 189 -11.11 -42.88 -8.32
CA PHE A 189 -10.11 -43.46 -9.22
C PHE A 189 -8.71 -43.37 -8.60
N GLN A 190 -7.71 -43.88 -9.31
CA GLN A 190 -6.31 -43.84 -8.85
C GLN A 190 -5.35 -43.41 -9.96
N VAL A 191 -4.48 -42.45 -9.64
CA VAL A 191 -3.41 -42.01 -10.54
C VAL A 191 -2.15 -41.66 -9.73
N SER A 192 -0.99 -41.86 -10.33
CA SER A 192 0.31 -41.59 -9.69
C SER A 192 0.71 -40.10 -9.80
N THR A 193 2.01 -39.81 -9.61
CA THR A 193 2.51 -38.43 -9.60
C THR A 193 2.45 -37.74 -10.97
N LYS A 194 3.31 -38.17 -11.90
CA LYS A 194 3.45 -37.50 -13.20
C LYS A 194 2.32 -37.86 -14.18
N ASP A 195 1.49 -36.88 -14.53
CA ASP A 195 0.47 -37.02 -15.58
C ASP A 195 -0.08 -35.64 -16.02
N VAL A 196 -0.30 -35.46 -17.32
CA VAL A 196 -0.76 -34.19 -17.88
C VAL A 196 -2.29 -34.02 -17.71
N PRO A 197 -2.77 -32.76 -17.51
CA PRO A 197 -4.19 -32.43 -17.43
C PRO A 197 -5.09 -32.97 -18.54
N LEU A 198 -4.56 -33.05 -19.76
CA LEU A 198 -5.24 -33.74 -20.87
C LEU A 198 -5.37 -35.23 -20.57
N ALA A 199 -4.27 -35.85 -20.13
CA ALA A 199 -4.24 -37.27 -19.75
C ALA A 199 -5.15 -37.58 -18.56
N LEU A 200 -5.29 -36.63 -17.64
CA LEU A 200 -6.21 -36.76 -16.51
C LEU A 200 -7.66 -36.82 -17.00
N MET A 201 -8.04 -35.81 -17.79
CA MET A 201 -9.40 -35.72 -18.36
C MET A 201 -9.77 -36.83 -19.35
N ALA A 202 -8.78 -37.62 -19.79
CA ALA A 202 -9.02 -38.84 -20.55
C ALA A 202 -9.75 -39.87 -19.69
N CYS A 203 -9.11 -40.30 -18.60
CA CYS A 203 -9.67 -41.29 -17.68
C CYS A 203 -10.78 -40.68 -16.83
N PRO A 220 -13.50 -34.32 -23.45
CA PRO A 220 -12.32 -34.08 -22.61
C PRO A 220 -11.80 -32.65 -22.74
N GLU A 221 -11.48 -32.24 -23.97
CA GLU A 221 -10.95 -30.90 -24.24
C GLU A 221 -11.98 -29.78 -24.03
N ASP A 222 -13.26 -30.12 -24.10
CA ASP A 222 -14.34 -29.20 -23.74
C ASP A 222 -14.37 -28.86 -22.25
N TYR A 223 -13.89 -29.79 -21.41
CA TYR A 223 -13.91 -29.64 -19.96
C TYR A 223 -12.65 -28.94 -19.40
N THR A 224 -12.67 -28.69 -18.08
CA THR A 224 -11.46 -28.38 -17.32
C THR A 224 -11.53 -29.09 -15.96
N LEU A 225 -10.40 -29.12 -15.24
CA LEU A 225 -10.33 -29.74 -13.91
C LEU A 225 -10.30 -28.66 -12.84
N GLN A 226 -11.06 -28.86 -11.77
CA GLN A 226 -11.22 -27.88 -10.70
C GLN A 226 -11.06 -28.52 -9.33
N VAL A 227 -10.32 -27.86 -8.44
CA VAL A 227 -10.17 -28.30 -7.04
C VAL A 227 -11.50 -28.05 -6.33
N ASN A 228 -11.87 -28.97 -5.44
CA ASN A 228 -13.17 -28.94 -4.78
C ASN A 228 -13.26 -27.82 -3.75
N GLY A 229 -14.33 -27.03 -3.84
CA GLY A 229 -14.58 -25.92 -2.92
C GLY A 229 -13.60 -24.76 -2.96
N ARG A 230 -12.82 -24.65 -4.04
CA ARG A 230 -11.85 -23.57 -4.21
C ARG A 230 -11.80 -23.19 -5.68
N HIS A 231 -11.59 -21.90 -5.96
CA HIS A 231 -11.46 -21.40 -7.33
C HIS A 231 -10.02 -21.60 -7.84
N GLU A 232 -9.68 -22.86 -8.09
CA GLU A 232 -8.32 -23.30 -8.46
C GLU A 232 -8.43 -24.43 -9.48
N TYR A 233 -7.97 -24.18 -10.71
CA TYR A 233 -8.15 -25.12 -11.83
C TYR A 233 -6.83 -25.67 -12.38
N LEU A 234 -6.83 -26.95 -12.74
CA LEU A 234 -5.65 -27.63 -13.30
C LEU A 234 -5.74 -27.71 -14.83
N TYR A 235 -4.84 -27.01 -15.51
CA TYR A 235 -4.81 -26.97 -16.98
C TYR A 235 -3.43 -26.61 -17.54
N GLY A 236 -3.27 -26.75 -18.86
CA GLY A 236 -2.03 -26.39 -19.55
C GLY A 236 -1.16 -27.59 -19.90
N SER A 237 0.11 -27.31 -20.18
CA SER A 237 1.09 -28.32 -20.61
C SER A 237 2.02 -28.79 -19.48
N TYR A 238 1.72 -28.41 -18.24
CA TYR A 238 2.51 -28.82 -17.05
C TYR A 238 2.03 -30.17 -16.52
N PRO A 239 2.93 -30.97 -15.92
CA PRO A 239 2.56 -32.25 -15.30
C PRO A 239 1.90 -32.07 -13.93
N LEU A 240 1.16 -33.09 -13.50
CA LEU A 240 0.41 -33.07 -12.22
C LEU A 240 1.30 -32.84 -10.98
N CYS A 241 2.53 -33.36 -11.01
CA CYS A 241 3.49 -33.15 -9.92
C CYS A 241 3.78 -31.68 -9.59
N GLN A 242 3.81 -30.83 -10.63
CA GLN A 242 4.19 -29.41 -10.51
C GLN A 242 3.04 -28.46 -10.09
N PHE A 243 1.84 -28.98 -9.82
CA PHE A 243 0.72 -28.17 -9.29
C PHE A 243 0.76 -28.15 -7.76
N GLN A 244 0.46 -26.99 -7.17
CA GLN A 244 0.55 -26.79 -5.71
C GLN A 244 -0.37 -27.71 -4.90
N TYR A 245 -1.58 -27.94 -5.42
CA TYR A 245 -2.58 -28.77 -4.72
C TYR A 245 -2.10 -30.21 -4.53
N ILE A 246 -1.68 -30.84 -5.63
CA ILE A 246 -1.22 -32.25 -5.62
C ILE A 246 0.01 -32.43 -4.73
N CYS A 247 0.92 -31.47 -4.76
CA CYS A 247 2.08 -31.42 -3.86
C CYS A 247 1.66 -31.25 -2.40
N SER A 248 0.72 -30.33 -2.15
CA SER A 248 0.22 -30.08 -0.80
C SER A 248 -0.51 -31.29 -0.16
N CYS A 249 -1.09 -32.16 -1.00
CA CYS A 249 -1.76 -33.37 -0.53
C CYS A 249 -0.83 -34.42 0.08
N LEU A 250 0.42 -34.45 -0.37
CA LEU A 250 1.40 -35.49 0.03
C LEU A 250 1.90 -35.33 1.47
N HIS A 251 2.38 -34.14 1.81
CA HIS A 251 2.99 -33.89 3.13
C HIS A 251 2.00 -33.84 4.29
N SER A 252 0.76 -33.42 4.02
CA SER A 252 -0.35 -33.55 4.99
C SER A 252 -0.70 -35.04 5.20
N GLY A 253 -0.70 -35.81 4.12
CA GLY A 253 -0.99 -37.25 4.15
C GLY A 253 -2.47 -37.51 3.97
N LEU A 254 -3.02 -37.00 2.86
CA LEU A 254 -4.44 -37.13 2.54
C LEU A 254 -4.67 -37.33 1.04
N THR A 255 -5.84 -37.89 0.71
CA THR A 255 -6.23 -38.13 -0.68
C THR A 255 -6.83 -36.85 -1.29
N PRO A 256 -6.46 -36.50 -2.53
CA PRO A 256 -7.04 -35.32 -3.19
C PRO A 256 -8.49 -35.52 -3.66
N HIS A 257 -9.14 -34.42 -4.01
CA HIS A 257 -10.45 -34.41 -4.65
C HIS A 257 -10.47 -33.32 -5.73
N LEU A 258 -10.68 -33.72 -6.98
CA LEU A 258 -10.85 -32.79 -8.10
C LEU A 258 -12.24 -32.98 -8.73
N THR A 259 -12.57 -32.11 -9.69
CA THR A 259 -13.90 -32.10 -10.32
C THR A 259 -13.81 -31.63 -11.77
N MET A 260 -14.48 -32.36 -12.67
CA MET A 260 -14.61 -31.96 -14.07
C MET A 260 -15.57 -30.77 -14.18
N VAL A 261 -15.27 -29.84 -15.09
CA VAL A 261 -16.10 -28.65 -15.30
C VAL A 261 -16.33 -28.37 -16.79
N HIS A 262 -17.59 -28.44 -17.23
CA HIS A 262 -17.97 -28.21 -18.64
C HIS A 262 -17.89 -26.73 -19.00
N SER A 263 -17.55 -26.44 -20.27
CA SER A 263 -17.39 -25.08 -20.79
C SER A 263 -18.59 -24.15 -20.56
N SER A 264 -19.79 -24.71 -20.58
CA SER A 264 -21.02 -23.99 -20.24
C SER A 264 -20.96 -23.33 -18.87
N SER A 265 -20.42 -24.06 -17.89
CA SER A 265 -20.22 -23.54 -16.53
C SER A 265 -19.18 -22.42 -16.49
N ILE A 266 -18.14 -22.54 -17.32
CA ILE A 266 -17.08 -21.52 -17.41
C ILE A 266 -17.58 -20.24 -18.11
N LEU A 267 -18.27 -20.41 -19.24
CA LEU A 267 -18.85 -19.28 -19.98
C LEU A 267 -19.96 -18.55 -19.22
N ALA A 268 -20.66 -19.27 -18.33
CA ALA A 268 -21.67 -18.69 -17.45
C ALA A 268 -21.06 -17.67 -16.49
N MET A 269 -19.90 -18.04 -15.93
CA MET A 269 -19.11 -17.13 -15.10
C MET A 269 -18.52 -15.98 -15.93
N ARG A 270 -18.09 -16.28 -17.15
CA ARG A 270 -17.55 -15.26 -18.09
C ARG A 270 -18.58 -14.20 -18.46
N ASP A 271 -19.80 -14.64 -18.73
CA ASP A 271 -20.90 -13.75 -19.11
C ASP A 271 -21.32 -12.84 -17.94
N GLU A 272 -21.58 -13.46 -16.79
CA GLU A 272 -21.95 -12.72 -15.58
C GLU A 272 -20.74 -12.01 -14.97
N SER A 299 13.41 27.69 -31.19
CA SER A 299 12.97 27.25 -29.88
C SER A 299 13.58 25.89 -29.51
N LEU A 300 14.75 25.93 -28.85
CA LEU A 300 15.47 24.74 -28.40
C LEU A 300 16.16 24.99 -27.05
N TRP A 301 17.08 24.11 -26.66
CA TRP A 301 18.07 24.40 -25.60
C TRP A 301 19.22 25.31 -26.11
N SER A 302 18.85 26.41 -26.76
CA SER A 302 19.77 27.49 -27.13
C SER A 302 19.81 28.56 -26.03
N LEU A 303 18.87 28.47 -25.07
CA LEU A 303 18.78 29.43 -23.96
C LEU A 303 19.94 29.25 -22.98
N GLU A 304 21.00 30.03 -23.18
CA GLU A 304 22.16 30.08 -22.28
C GLU A 304 21.96 31.04 -21.09
N GLN A 305 20.72 31.49 -20.87
CA GLN A 305 20.37 32.29 -19.69
C GLN A 305 20.45 31.39 -18.45
N PRO A 306 21.09 31.88 -17.36
CA PRO A 306 21.02 31.19 -16.07
C PRO A 306 19.59 31.04 -15.54
N PHE A 307 19.26 29.84 -15.06
CA PHE A 307 17.93 29.57 -14.49
C PHE A 307 17.70 30.42 -13.24
N ARG A 308 16.59 31.16 -13.23
CA ARG A 308 16.19 31.98 -12.09
C ARG A 308 14.73 31.75 -11.73
N ILE A 309 14.41 32.05 -10.47
CA ILE A 309 13.04 31.97 -9.96
C ILE A 309 12.76 33.16 -9.06
N GLU A 310 11.54 33.70 -9.15
CA GLU A 310 11.09 34.77 -8.26
C GLU A 310 10.41 34.16 -7.04
N LEU A 311 10.91 34.48 -5.84
CA LEU A 311 10.28 34.07 -4.58
C LEU A 311 9.46 35.25 -4.06
N ILE A 312 8.15 35.16 -4.22
CA ILE A 312 7.26 36.30 -3.99
C ILE A 312 6.80 36.39 -2.54
N GLN A 313 5.98 35.43 -2.12
CA GLN A 313 5.37 35.44 -0.78
C GLN A 313 5.08 34.03 -0.28
N GLY A 314 4.89 33.93 1.04
CA GLY A 314 4.34 32.71 1.67
C GLY A 314 2.89 32.94 2.08
N SER A 315 2.26 31.89 2.61
CA SER A 315 0.88 31.97 3.11
C SER A 315 0.64 31.00 4.25
N LYS A 316 -0.19 31.40 5.22
CA LYS A 316 -0.68 30.53 6.30
C LYS A 316 0.43 29.90 7.16
N VAL A 317 1.51 30.66 7.39
CA VAL A 317 2.67 30.17 8.12
C VAL A 317 2.43 30.25 9.62
N ASN A 318 2.45 29.10 10.32
CA ASN A 318 2.23 29.05 11.77
C ASN A 318 3.54 28.98 12.57
N ALA A 319 4.42 29.95 12.31
CA ALA A 319 5.73 30.03 12.96
C ALA A 319 5.69 30.89 14.22
N ASP A 320 6.76 30.82 15.00
CA ASP A 320 6.91 31.60 16.23
C ASP A 320 7.21 33.07 15.88
N GLU A 321 6.55 34.00 16.58
CA GLU A 321 6.62 35.42 16.26
C GLU A 321 7.99 36.05 16.49
N ARG A 322 8.69 35.65 17.56
CA ARG A 322 10.02 36.18 17.90
C ARG A 322 11.12 35.75 16.92
N MET A 323 10.99 34.54 16.36
CA MET A 323 11.95 34.02 15.37
C MET A 323 11.78 34.71 14.00
N LYS A 324 12.61 34.34 13.03
CA LYS A 324 12.56 34.89 11.67
C LYS A 324 12.53 33.78 10.61
N LEU A 325 11.82 34.04 9.50
CA LEU A 325 11.58 33.06 8.44
C LEU A 325 12.59 33.17 7.29
N VAL A 326 13.01 32.02 6.76
CA VAL A 326 13.86 31.94 5.57
C VAL A 326 13.46 30.74 4.72
N VAL A 327 13.52 30.90 3.39
CA VAL A 327 13.17 29.84 2.44
C VAL A 327 14.43 29.44 1.68
N GLN A 328 15.00 28.28 2.01
CA GLN A 328 16.15 27.73 1.29
C GLN A 328 15.66 26.94 0.09
N ALA A 329 16.49 26.82 -0.94
CA ALA A 329 16.08 26.14 -2.18
C ALA A 329 17.25 25.62 -3.01
N GLY A 330 16.97 24.59 -3.80
CA GLY A 330 18.01 23.91 -4.60
C GLY A 330 17.46 23.05 -5.71
N LEU A 331 18.20 22.98 -6.82
CA LEU A 331 17.86 22.12 -7.95
C LEU A 331 18.49 20.74 -7.76
N PHE A 332 17.76 19.71 -8.19
CA PHE A 332 18.16 18.32 -8.04
C PHE A 332 17.75 17.46 -9.23
N HIS A 333 18.63 16.53 -9.59
CA HIS A 333 18.30 15.42 -10.48
C HIS A 333 18.32 14.19 -9.57
N GLY A 334 17.14 13.76 -9.16
CA GLY A 334 17.01 12.70 -8.14
C GLY A 334 17.71 13.09 -6.85
N ASN A 335 18.76 12.35 -6.51
CA ASN A 335 19.54 12.58 -5.28
C ASN A 335 20.63 13.65 -5.45
N GLU A 336 21.28 13.66 -6.61
CA GLU A 336 22.41 14.56 -6.87
C GLU A 336 21.97 16.01 -7.05
N MET A 337 22.80 16.94 -6.57
CA MET A 337 22.59 18.37 -6.80
C MET A 337 23.07 18.76 -8.19
N LEU A 338 22.22 19.47 -8.92
CA LEU A 338 22.63 20.08 -10.18
C LEU A 338 23.56 21.27 -9.93
N CYS A 339 23.28 22.04 -8.87
CA CYS A 339 24.11 23.17 -8.46
C CYS A 339 23.92 23.49 -6.97
N LYS A 340 24.76 24.37 -6.44
CA LYS A 340 24.70 24.77 -5.03
C LYS A 340 23.37 25.44 -4.66
N THR A 341 23.03 25.39 -3.36
CA THR A 341 21.76 25.93 -2.88
C THR A 341 21.84 27.45 -2.61
N VAL A 342 20.86 28.18 -3.12
CA VAL A 342 20.66 29.60 -2.78
C VAL A 342 19.80 29.71 -1.52
N SER A 343 19.62 30.93 -1.01
CA SER A 343 18.86 31.17 0.23
C SER A 343 18.25 32.56 0.27
N SER A 344 17.06 32.69 0.87
CA SER A 344 16.32 33.95 0.94
C SER A 344 16.84 34.91 1.99
N SER A 345 16.31 36.13 2.00
CA SER A 345 16.61 37.13 3.03
C SER A 345 15.77 36.86 4.27
N GLU A 346 16.32 37.16 5.44
CA GLU A 346 15.65 36.90 6.73
C GLU A 346 14.51 37.90 6.97
N VAL A 347 13.34 37.59 6.42
CA VAL A 347 12.11 38.34 6.68
C VAL A 347 11.56 37.97 8.07
N SER A 348 10.99 38.94 8.76
CA SER A 348 10.35 38.71 10.06
C SER A 348 9.17 37.76 9.92
N VAL A 349 8.90 36.99 10.98
CA VAL A 349 7.83 35.98 10.95
C VAL A 349 6.45 36.64 10.82
N CYS A 350 5.84 36.46 9.64
CA CYS A 350 4.46 36.82 9.36
C CYS A 350 3.69 35.55 9.01
N SER A 351 2.37 35.61 9.10
CA SER A 351 1.52 34.55 8.53
C SER A 351 1.52 34.61 7.00
N GLU A 352 1.74 35.82 6.46
CA GLU A 352 1.81 36.06 5.02
C GLU A 352 3.14 36.78 4.71
N PRO A 353 4.28 36.06 4.77
CA PRO A 353 5.57 36.69 4.52
C PRO A 353 5.77 37.12 3.06
N VAL A 354 6.69 38.08 2.86
CA VAL A 354 6.94 38.67 1.54
C VAL A 354 8.44 38.88 1.38
N TRP A 355 9.02 38.23 0.36
CA TRP A 355 10.46 38.30 0.08
C TRP A 355 10.74 39.17 -1.14
N LYS A 356 10.16 38.80 -2.29
CA LYS A 356 10.35 39.49 -3.59
C LYS A 356 11.83 39.54 -4.00
N GLN A 357 12.38 38.38 -4.31
CA GLN A 357 13.80 38.21 -4.70
C GLN A 357 13.92 37.36 -5.95
N ARG A 358 14.81 37.76 -6.86
CA ARG A 358 15.23 36.90 -7.97
C ARG A 358 16.30 35.94 -7.46
N LEU A 359 15.95 34.66 -7.35
CA LEU A 359 16.88 33.60 -6.93
C LEU A 359 17.53 32.94 -8.15
N GLU A 360 18.69 33.44 -8.53
CA GLU A 360 19.43 32.93 -9.70
C GLU A 360 20.36 31.80 -9.26
N PHE A 361 20.49 30.78 -10.12
CA PHE A 361 21.30 29.59 -9.83
C PHE A 361 22.54 29.48 -10.72
N ASP A 362 23.46 28.60 -10.32
CA ASP A 362 24.73 28.38 -11.03
C ASP A 362 24.57 27.31 -12.12
N ILE A 363 23.58 27.51 -12.99
CA ILE A 363 23.27 26.56 -14.07
C ILE A 363 22.36 27.25 -15.10
N ASN A 364 22.57 26.94 -16.38
CA ASN A 364 21.75 27.50 -17.47
C ASN A 364 20.49 26.69 -17.78
N ILE A 365 19.53 27.34 -18.43
CA ILE A 365 18.29 26.70 -18.88
C ILE A 365 18.57 25.58 -19.90
N CYS A 366 19.54 25.81 -20.78
CA CYS A 366 20.00 24.78 -21.74
C CYS A 366 20.68 23.58 -21.09
N ASP A 367 21.21 23.77 -19.87
CA ASP A 367 21.84 22.69 -19.08
C ASP A 367 20.87 21.93 -18.15
N LEU A 368 19.59 22.29 -18.13
CA LEU A 368 18.60 21.60 -17.29
C LEU A 368 18.24 20.25 -17.94
N PRO A 369 18.32 19.14 -17.18
CA PRO A 369 17.88 17.84 -17.67
C PRO A 369 16.37 17.63 -17.53
N ARG A 370 15.82 16.71 -18.31
CA ARG A 370 14.36 16.47 -18.37
C ARG A 370 13.70 16.35 -17.00
N MET A 371 14.36 15.66 -16.08
CA MET A 371 13.86 15.47 -14.71
C MET A 371 14.50 16.42 -13.70
N ALA A 372 14.80 17.64 -14.14
CA ALA A 372 15.30 18.67 -13.23
C ALA A 372 14.19 19.00 -12.25
N ARG A 373 14.57 19.22 -11.00
CA ARG A 373 13.61 19.36 -9.91
C ARG A 373 14.07 20.41 -8.91
N LEU A 374 13.35 21.53 -8.86
CA LEU A 374 13.61 22.59 -7.87
C LEU A 374 12.92 22.17 -6.57
N CYS A 375 13.64 22.28 -5.45
CA CYS A 375 13.16 21.81 -4.15
C CYS A 375 13.25 22.90 -3.11
N PHE A 376 12.14 23.19 -2.43
CA PHE A 376 12.05 24.28 -1.46
C PHE A 376 11.89 23.80 -0.02
N ALA A 377 12.39 24.62 0.91
CA ALA A 377 12.29 24.36 2.34
C ALA A 377 12.19 25.69 3.10
N LEU A 378 11.17 25.82 3.96
CA LEU A 378 10.96 27.01 4.77
C LEU A 378 11.44 26.73 6.20
N TYR A 379 12.52 27.38 6.60
CA TYR A 379 13.07 27.31 7.96
C TYR A 379 12.64 28.50 8.81
N ALA A 380 12.86 28.37 10.11
CA ALA A 380 12.61 29.42 11.10
C ALA A 380 13.82 29.49 12.03
N VAL A 381 14.41 30.68 12.15
CA VAL A 381 15.67 30.88 12.89
C VAL A 381 15.55 32.00 13.92
N ILE A 382 16.11 31.76 15.11
CA ILE A 382 16.24 32.80 16.14
C ILE A 382 17.31 33.81 15.72
N GLU A 383 16.88 34.83 14.97
CA GLU A 383 17.77 35.83 14.34
C GLU A 383 18.70 35.18 13.32
N ASP A 399 17.85 25.90 14.45
CA ASP A 399 16.94 26.18 13.35
C ASP A 399 15.76 25.22 13.31
N CYS A 400 14.58 25.75 12.96
CA CYS A 400 13.32 25.01 12.96
C CYS A 400 12.85 24.80 11.52
N PRO A 401 12.94 23.56 10.99
CA PRO A 401 12.31 23.31 9.70
C PRO A 401 10.79 23.34 9.81
N ILE A 402 10.14 24.24 9.09
CA ILE A 402 8.68 24.38 9.14
C ILE A 402 8.04 23.46 8.11
N ALA A 403 8.41 23.63 6.85
CA ALA A 403 7.77 22.90 5.75
C ALA A 403 8.61 22.85 4.49
N TRP A 404 8.29 21.91 3.61
CA TRP A 404 9.03 21.68 2.36
C TRP A 404 8.06 21.43 1.21
N ALA A 405 8.50 21.71 -0.01
CA ALA A 405 7.70 21.45 -1.21
C ALA A 405 8.58 21.44 -2.46
N ASN A 406 8.41 20.41 -3.30
CA ASN A 406 9.24 20.25 -4.49
C ASN A 406 8.46 20.43 -5.78
N LEU A 407 9.15 20.88 -6.81
CA LEU A 407 8.56 21.17 -8.12
C LEU A 407 9.44 20.55 -9.21
N MET A 408 8.81 19.95 -10.22
CA MET A 408 9.50 19.61 -11.46
C MET A 408 9.56 20.86 -12.33
N LEU A 409 10.72 21.12 -12.95
CA LEU A 409 10.89 22.31 -13.80
C LEU A 409 10.12 22.14 -15.11
N PHE A 410 10.34 21.02 -15.79
CA PHE A 410 9.57 20.66 -16.98
C PHE A 410 8.24 20.06 -16.53
N ASP A 411 7.26 20.01 -17.42
CA ASP A 411 5.93 19.46 -17.09
C ASP A 411 5.66 18.13 -17.81
N TYR A 412 4.45 17.60 -17.67
CA TYR A 412 4.11 16.25 -18.17
C TYR A 412 3.97 16.16 -19.68
N LYS A 413 3.70 17.29 -20.36
CA LYS A 413 3.69 17.33 -21.83
C LYS A 413 5.02 17.82 -22.42
N ASP A 414 6.06 17.88 -21.57
CA ASP A 414 7.46 18.20 -21.93
C ASP A 414 7.82 19.69 -21.95
N GLN A 415 6.84 20.59 -21.80
CA GLN A 415 7.08 22.04 -21.83
C GLN A 415 7.81 22.49 -20.58
N LEU A 416 8.77 23.42 -20.76
CA LEU A 416 9.45 24.07 -19.66
C LEU A 416 8.48 25.06 -19.02
N LYS A 417 8.15 24.85 -17.74
CA LYS A 417 7.07 25.60 -17.09
C LYS A 417 7.31 27.10 -17.03
N THR A 418 6.22 27.87 -17.05
CA THR A 418 6.27 29.33 -16.92
C THR A 418 5.12 29.84 -16.06
N GLY A 419 5.20 31.12 -15.70
CA GLY A 419 4.14 31.80 -14.95
C GLY A 419 4.21 31.56 -13.45
N GLU A 420 3.26 32.16 -12.74
CA GLU A 420 3.14 31.98 -11.29
C GLU A 420 2.73 30.55 -10.96
N ARG A 421 3.13 30.09 -9.77
CA ARG A 421 2.75 28.78 -9.25
C ARG A 421 2.72 28.83 -7.72
N CYS A 422 1.62 28.34 -7.16
CA CYS A 422 1.42 28.22 -5.71
C CYS A 422 1.89 26.83 -5.30
N LEU A 423 2.90 26.76 -4.43
CA LEU A 423 3.45 25.48 -3.96
C LEU A 423 2.93 25.18 -2.56
N TYR A 424 1.88 24.37 -2.47
CA TYR A 424 1.29 23.98 -1.18
C TYR A 424 2.20 22.96 -0.45
N MET A 425 2.79 23.39 0.66
CA MET A 425 3.92 22.70 1.28
C MET A 425 3.51 21.62 2.28
N TRP A 426 4.36 20.61 2.39
CA TRP A 426 4.20 19.54 3.37
C TRP A 426 4.94 19.92 4.66
N PRO A 427 4.45 19.46 5.82
CA PRO A 427 5.12 19.77 7.10
C PRO A 427 6.36 18.90 7.30
N SER A 428 7.41 19.50 7.86
CA SER A 428 8.70 18.83 8.01
C SER A 428 8.72 17.89 9.20
N VAL A 429 8.89 16.58 8.93
CA VAL A 429 9.08 15.58 10.00
C VAL A 429 10.54 15.67 10.50
N PRO A 430 10.74 15.73 11.83
CA PRO A 430 12.10 15.64 12.37
C PRO A 430 12.80 14.32 12.07
N ASP A 431 13.86 14.38 11.27
CA ASP A 431 14.73 13.23 10.98
C ASP A 431 15.79 13.16 12.08
N GLU A 432 16.53 12.07 12.08
CA GLU A 432 17.73 11.93 12.93
C GLU A 432 18.87 12.81 12.43
N LYS A 433 18.95 12.98 11.10
CA LYS A 433 19.97 13.82 10.47
C LYS A 433 19.49 15.26 10.25
N GLY A 434 18.54 15.44 9.33
CA GLY A 434 18.02 16.77 8.96
C GLY A 434 18.83 17.42 7.86
N GLU A 435 18.56 17.02 6.62
CA GLU A 435 19.18 17.62 5.43
C GLU A 435 18.61 19.02 5.19
N LEU A 436 19.26 19.77 4.30
CA LEU A 436 18.85 21.13 3.97
C LEU A 436 17.44 21.15 3.36
N LEU A 437 17.26 20.37 2.29
CA LEU A 437 15.98 20.23 1.60
C LEU A 437 15.55 18.76 1.67
N ASN A 438 14.46 18.43 0.99
CA ASN A 438 13.94 17.06 0.94
C ASN A 438 13.68 16.65 -0.52
N PRO A 439 14.77 16.49 -1.31
CA PRO A 439 14.63 16.23 -2.75
C PRO A 439 13.99 14.89 -3.09
N THR A 440 14.15 13.92 -2.20
CA THR A 440 13.48 12.62 -2.31
C THR A 440 11.96 12.69 -2.17
N GLY A 441 11.47 13.70 -1.44
CA GLY A 441 10.05 13.88 -1.20
C GLY A 441 9.23 14.05 -2.48
N THR A 442 7.93 13.78 -2.38
CA THR A 442 7.08 13.74 -3.56
C THR A 442 6.94 15.10 -4.26
N VAL A 443 6.82 15.05 -5.58
CA VAL A 443 6.44 16.20 -6.40
C VAL A 443 4.94 16.49 -6.24
N ARG A 444 4.18 15.48 -5.80
CA ARG A 444 2.74 15.66 -5.59
C ARG A 444 2.46 16.74 -4.53
N SER A 445 1.46 17.58 -4.81
CA SER A 445 1.13 18.73 -3.95
C SER A 445 0.45 18.28 -2.66
N ASN A 446 0.45 19.16 -1.65
CA ASN A 446 -0.32 18.93 -0.42
C ASN A 446 -1.81 19.12 -0.72
N PRO A 447 -2.63 18.05 -0.61
CA PRO A 447 -4.06 18.21 -0.87
C PRO A 447 -4.76 19.17 0.09
N ASN A 448 -4.28 19.26 1.33
CA ASN A 448 -4.88 20.12 2.36
C ASN A 448 -4.60 21.60 2.07
N THR A 449 -5.18 22.11 0.98
CA THR A 449 -4.94 23.48 0.48
C THR A 449 -5.50 24.54 1.40
N ASP A 450 -6.65 24.25 2.03
CA ASP A 450 -7.30 25.18 2.96
C ASP A 450 -6.43 25.51 4.18
N SER A 451 -5.85 24.47 4.78
CA SER A 451 -5.07 24.60 6.03
C SER A 451 -3.55 24.68 5.84
N ALA A 452 -3.04 24.09 4.75
CA ALA A 452 -1.58 24.02 4.52
C ALA A 452 -0.96 25.37 4.23
N ALA A 453 0.29 25.53 4.67
CA ALA A 453 1.10 26.68 4.29
C ALA A 453 1.49 26.52 2.83
N ALA A 454 1.68 27.64 2.13
CA ALA A 454 2.07 27.62 0.72
C ALA A 454 2.99 28.78 0.34
N LEU A 455 3.70 28.61 -0.77
CA LEU A 455 4.69 29.59 -1.25
C LEU A 455 4.37 29.99 -2.70
N LEU A 456 4.07 31.28 -2.89
CA LEU A 456 3.83 31.88 -4.21
C LEU A 456 5.18 32.17 -4.88
N ILE A 457 5.37 31.65 -6.08
CA ILE A 457 6.61 31.84 -6.85
C ILE A 457 6.31 32.01 -8.33
N CYS A 458 7.23 32.65 -9.07
CA CYS A 458 7.06 32.88 -10.51
C CYS A 458 8.25 32.35 -11.32
N LEU A 459 7.98 31.33 -12.14
CA LEU A 459 8.95 30.80 -13.10
C LEU A 459 8.86 31.67 -14.36
N PRO A 460 9.94 32.38 -14.71
CA PRO A 460 9.87 33.46 -15.70
C PRO A 460 9.69 33.02 -17.16
N GLU A 461 9.46 34.00 -18.03
CA GLU A 461 9.40 33.79 -19.48
C GLU A 461 10.82 33.75 -20.03
N VAL A 462 11.21 32.59 -20.59
CA VAL A 462 12.56 32.34 -21.09
C VAL A 462 12.74 32.72 -22.56
N ALA A 463 11.69 32.53 -23.36
CA ALA A 463 11.69 32.87 -24.79
C ALA A 463 10.29 33.30 -25.24
N PRO A 464 10.20 34.12 -26.32
CA PRO A 464 8.92 34.75 -26.72
C PRO A 464 7.79 33.76 -27.03
N HIS A 465 8.16 32.59 -27.58
CA HIS A 465 7.29 31.43 -27.65
C HIS A 465 7.91 30.31 -26.79
N PRO A 466 7.08 29.49 -26.12
CA PRO A 466 7.57 28.52 -25.14
C PRO A 466 8.41 27.38 -25.74
N VAL A 467 9.03 26.58 -24.86
CA VAL A 467 9.97 25.53 -25.27
C VAL A 467 9.67 24.20 -24.58
N TYR A 468 9.86 23.11 -25.32
CA TYR A 468 9.79 21.75 -24.79
C TYR A 468 11.19 21.15 -24.67
N TYR A 469 11.32 20.05 -23.92
CA TYR A 469 12.59 19.30 -23.87
C TYR A 469 12.78 18.58 -25.21
N PRO A 470 14.03 18.49 -25.73
CA PRO A 470 14.19 17.98 -27.10
C PRO A 470 13.72 16.53 -27.32
N ALA A 471 13.15 16.28 -28.50
CA ALA A 471 12.65 14.96 -28.86
C ALA A 471 13.80 13.99 -29.13
N LEU A 472 13.53 12.70 -28.97
CA LEU A 472 14.53 11.63 -29.12
C LEU A 472 15.33 11.71 -30.42
N GLU A 473 14.65 12.04 -31.52
CA GLU A 473 15.31 12.24 -32.81
C GLU A 473 16.31 13.39 -32.77
N LYS A 474 15.91 14.51 -32.18
CA LYS A 474 16.80 15.66 -31.98
C LYS A 474 17.89 15.41 -30.93
N ILE A 475 17.61 14.53 -29.96
CA ILE A 475 18.61 14.11 -28.97
C ILE A 475 19.65 13.18 -29.60
N LEU A 476 19.18 12.22 -30.41
CA LEU A 476 20.05 11.31 -31.16
C LEU A 476 20.99 12.02 -32.14
N GLU A 477 20.57 13.18 -32.65
CA GLU A 477 21.38 13.99 -33.57
C GLU A 477 22.77 14.39 -33.04
N LEU A 478 22.89 14.57 -31.72
CA LEU A 478 24.19 14.89 -31.10
C LEU A 478 25.15 13.71 -31.21
N GLY A 479 24.69 12.53 -30.80
CA GLY A 479 25.47 11.30 -30.99
C GLY A 479 25.61 10.82 -32.44
N ARG A 480 24.67 11.25 -33.30
CA ARG A 480 24.64 10.87 -34.73
C ARG A 480 25.90 11.30 -35.50
N HIS A 481 26.24 12.59 -35.44
CA HIS A 481 27.37 13.16 -36.18
C HIS A 481 28.65 13.29 -35.34
N SER A 482 28.51 13.72 -34.08
CA SER A 482 29.65 13.84 -33.17
C SER A 482 30.08 12.47 -32.63
N VAL A 487 40.85 4.24 -27.66
CA VAL A 487 40.80 2.82 -27.34
C VAL A 487 42.20 2.25 -27.13
N THR A 488 42.71 2.38 -25.90
CA THR A 488 44.04 1.87 -25.52
C THR A 488 43.90 0.56 -24.75
N GLU A 489 44.81 -0.39 -25.01
CA GLU A 489 44.85 -1.66 -24.27
C GLU A 489 45.13 -1.46 -22.76
N GLU A 490 45.90 -0.43 -22.43
CA GLU A 490 46.17 -0.02 -21.05
C GLU A 490 44.89 0.47 -20.35
N GLU A 491 44.22 1.43 -21.00
CA GLU A 491 42.90 1.92 -20.54
C GLU A 491 41.92 0.76 -20.30
N GLN A 492 41.90 -0.18 -21.24
CA GLN A 492 40.97 -1.33 -21.24
C GLN A 492 41.11 -2.26 -20.03
N LEU A 493 42.35 -2.66 -19.71
CA LEU A 493 42.62 -3.61 -18.64
C LEU A 493 42.29 -3.04 -17.26
N GLN A 494 42.55 -1.75 -17.06
CA GLN A 494 42.21 -1.05 -15.82
C GLN A 494 40.69 -0.93 -15.63
N LEU A 495 39.96 -0.66 -16.71
CA LEU A 495 38.49 -0.59 -16.66
C LEU A 495 37.87 -1.93 -16.27
N ARG A 496 38.43 -3.03 -16.80
CA ARG A 496 38.05 -4.38 -16.39
C ARG A 496 38.19 -4.58 -14.89
N GLU A 497 39.29 -4.11 -14.30
CA GLU A 497 39.46 -4.13 -12.83
C GLU A 497 38.49 -3.16 -12.14
N ILE A 498 38.51 -1.91 -12.57
CA ILE A 498 37.69 -0.82 -11.97
C ILE A 498 36.20 -1.15 -11.88
N LEU A 499 35.66 -1.74 -12.95
CA LEU A 499 34.22 -2.03 -13.04
C LEU A 499 33.83 -3.46 -12.61
N GLU A 500 34.80 -4.37 -12.43
CA GLU A 500 34.54 -5.75 -11.95
C GLU A 500 34.52 -5.89 -10.42
N ARG A 501 35.07 -4.91 -9.70
CA ARG A 501 35.33 -5.04 -8.25
C ARG A 501 34.05 -4.94 -7.36
N ARG A 502 34.24 -4.59 -6.08
CA ARG A 502 33.19 -4.56 -5.03
C ARG A 502 31.80 -3.94 -5.37
N GLY A 503 30.83 -4.18 -4.46
CA GLY A 503 29.43 -3.77 -4.61
C GLY A 503 29.13 -2.39 -5.18
N SER A 504 29.65 -1.36 -4.53
CA SER A 504 29.57 0.01 -5.06
C SER A 504 30.52 0.97 -4.31
N GLY A 505 30.11 1.43 -3.14
CA GLY A 505 30.83 2.44 -2.38
C GLY A 505 30.82 3.80 -3.09
N GLU A 506 32.00 4.23 -3.56
CA GLU A 506 32.12 5.49 -4.30
C GLU A 506 33.42 5.53 -5.12
N LEU A 507 33.29 5.66 -6.43
CA LEU A 507 34.44 5.82 -7.32
C LEU A 507 34.98 7.25 -7.26
N TYR A 508 36.26 7.42 -7.60
CA TYR A 508 36.92 8.72 -7.62
C TYR A 508 36.64 9.45 -8.94
N GLU A 509 36.86 10.76 -8.95
CA GLU A 509 36.67 11.60 -10.14
C GLU A 509 37.58 11.19 -11.31
N HIS A 510 38.76 10.68 -10.99
CA HIS A 510 39.68 10.10 -11.97
C HIS A 510 39.05 8.88 -12.66
N GLU A 511 38.53 7.98 -11.84
CA GLU A 511 37.90 6.74 -12.33
C GLU A 511 36.51 6.99 -12.94
N LYS A 512 35.80 8.02 -12.48
CA LYS A 512 34.58 8.48 -13.15
C LYS A 512 34.84 8.89 -14.60
N ASP A 513 35.98 9.54 -14.85
CA ASP A 513 36.39 9.90 -16.21
C ASP A 513 36.83 8.69 -17.01
N LEU A 514 37.41 7.68 -16.34
CA LEU A 514 37.68 6.37 -16.96
C LEU A 514 36.38 5.80 -17.54
N VAL A 515 35.35 5.76 -16.69
CA VAL A 515 34.07 5.19 -17.06
C VAL A 515 33.40 6.01 -18.18
N TRP A 516 33.54 7.33 -18.11
CA TRP A 516 33.04 8.20 -19.18
C TRP A 516 33.86 8.05 -20.48
N LYS A 517 35.15 7.75 -20.37
CA LYS A 517 36.02 7.63 -21.56
C LYS A 517 35.78 6.33 -22.32
N LEU A 518 35.88 5.19 -21.62
CA LEU A 518 35.57 3.88 -22.23
C LEU A 518 34.06 3.56 -22.11
N ARG A 519 33.22 4.58 -22.34
CA ARG A 519 31.77 4.45 -22.15
C ARG A 519 31.08 3.63 -23.24
N HIS A 520 31.62 3.66 -24.46
CA HIS A 520 31.17 2.74 -25.50
C HIS A 520 31.62 1.33 -25.17
N GLU A 521 32.88 1.18 -24.75
CA GLU A 521 33.41 -0.13 -24.33
C GLU A 521 32.66 -0.72 -23.12
N VAL A 522 32.06 0.13 -22.30
CA VAL A 522 31.12 -0.33 -21.28
C VAL A 522 29.90 -0.93 -21.97
N GLN A 523 29.33 -0.20 -22.93
CA GLN A 523 28.16 -0.67 -23.67
C GLN A 523 28.44 -1.95 -24.47
N GLU A 524 29.69 -2.11 -24.94
CA GLU A 524 30.10 -3.26 -25.75
C GLU A 524 30.46 -4.49 -24.93
N HIS A 525 31.19 -4.29 -23.82
CA HIS A 525 31.72 -5.43 -23.03
C HIS A 525 31.21 -5.55 -21.59
N PHE A 526 30.67 -4.46 -21.03
CA PHE A 526 30.11 -4.49 -19.69
C PHE A 526 28.67 -3.98 -19.69
N PRO A 527 27.77 -4.68 -20.41
CA PRO A 527 26.38 -4.19 -20.49
C PRO A 527 25.71 -4.00 -19.13
N GLU A 528 26.03 -4.88 -18.18
CA GLU A 528 25.41 -4.85 -16.84
C GLU A 528 25.97 -3.77 -15.90
N ALA A 529 26.98 -3.02 -16.34
CA ALA A 529 27.52 -1.87 -15.59
C ALA A 529 26.85 -0.53 -15.98
N LEU A 530 25.72 -0.59 -16.69
CA LEU A 530 24.90 0.60 -17.03
C LEU A 530 24.63 1.51 -15.84
N ALA A 531 24.28 0.92 -14.70
CA ALA A 531 23.99 1.68 -13.48
C ALA A 531 25.17 2.55 -13.02
N ARG A 532 26.39 2.04 -13.19
CA ARG A 532 27.58 2.78 -12.79
C ARG A 532 27.88 3.91 -13.76
N LEU A 533 27.70 3.65 -15.05
CA LEU A 533 27.92 4.67 -16.07
C LEU A 533 26.95 5.84 -15.91
N LEU A 534 25.69 5.52 -15.63
CA LEU A 534 24.67 6.52 -15.36
C LEU A 534 25.06 7.41 -14.16
N LEU A 535 25.52 6.78 -13.09
CA LEU A 535 25.96 7.52 -11.89
C LEU A 535 27.10 8.48 -12.18
N VAL A 536 28.06 8.05 -13.00
CA VAL A 536 29.23 8.88 -13.33
C VAL A 536 28.95 10.00 -14.35
N THR A 537 27.80 9.93 -15.01
CA THR A 537 27.39 10.95 -15.98
C THR A 537 27.11 12.28 -15.30
N LYS A 538 27.65 13.36 -15.88
CA LYS A 538 27.41 14.72 -15.39
C LYS A 538 26.06 15.22 -15.92
N TRP A 539 25.01 15.02 -15.12
CA TRP A 539 23.63 15.39 -15.51
C TRP A 539 23.37 16.91 -15.55
N ASN A 540 24.24 17.69 -14.92
CA ASN A 540 24.26 19.16 -15.05
C ASN A 540 24.85 19.71 -16.36
N LYS A 541 25.35 18.83 -17.25
CA LYS A 541 25.86 19.21 -18.57
C LYS A 541 25.08 18.47 -19.68
N HIS A 542 24.41 19.24 -20.54
CA HIS A 542 23.49 18.70 -21.55
C HIS A 542 24.15 17.86 -22.65
N GLU A 543 25.39 18.21 -23.01
CA GLU A 543 26.16 17.44 -23.99
C GLU A 543 26.43 16.00 -23.55
N ASP A 544 26.64 15.82 -22.24
CA ASP A 544 26.82 14.48 -21.66
C ASP A 544 25.50 13.71 -21.65
N VAL A 545 24.40 14.41 -21.36
CA VAL A 545 23.07 13.80 -21.33
C VAL A 545 22.68 13.21 -22.69
N ALA A 546 23.00 13.93 -23.77
CA ALA A 546 22.79 13.44 -25.13
C ALA A 546 23.65 12.22 -25.43
N GLN A 547 24.93 12.31 -25.08
CA GLN A 547 25.88 11.21 -25.30
C GLN A 547 25.48 9.94 -24.54
N MET A 548 24.98 10.10 -23.31
CA MET A 548 24.51 8.97 -22.50
C MET A 548 23.26 8.36 -23.12
N LEU A 549 22.25 9.21 -23.32
CA LEU A 549 20.97 8.78 -23.91
C LEU A 549 21.11 8.21 -25.32
N TYR A 550 22.12 8.66 -26.07
CA TYR A 550 22.45 8.05 -27.36
C TYR A 550 22.85 6.57 -27.17
N LEU A 551 23.71 6.31 -26.19
CA LEU A 551 24.16 4.94 -25.88
C LEU A 551 23.02 4.09 -25.32
N LEU A 552 22.19 4.68 -24.46
CA LEU A 552 21.05 3.98 -23.85
C LEU A 552 20.04 3.48 -24.89
N CYS A 553 19.86 4.25 -25.97
CA CYS A 553 18.94 3.89 -27.04
C CYS A 553 19.34 2.62 -27.80
N SER A 554 20.65 2.41 -27.94
CA SER A 554 21.20 1.19 -28.54
C SER A 554 21.80 0.25 -27.47
N TRP A 555 21.30 0.33 -26.23
CA TRP A 555 21.85 -0.48 -25.14
C TRP A 555 21.21 -1.88 -25.16
N PRO A 556 22.02 -2.94 -24.95
CA PRO A 556 21.46 -4.30 -24.95
C PRO A 556 20.60 -4.58 -23.74
N GLU A 557 19.57 -5.41 -23.93
CA GLU A 557 18.60 -5.74 -22.87
C GLU A 557 19.34 -6.35 -21.68
N LEU A 558 19.03 -5.88 -20.48
CA LEU A 558 19.65 -6.41 -19.27
C LEU A 558 18.72 -7.41 -18.59
N PRO A 559 19.24 -8.22 -17.64
CA PRO A 559 18.39 -9.11 -16.85
C PRO A 559 17.41 -8.40 -15.95
N VAL A 560 16.47 -9.17 -15.40
CA VAL A 560 15.55 -8.70 -14.37
C VAL A 560 16.30 -8.12 -13.18
N LEU A 561 17.30 -8.84 -12.70
CA LEU A 561 18.06 -8.40 -11.53
C LEU A 561 18.63 -7.01 -11.79
N SER A 562 19.34 -6.87 -12.91
CA SER A 562 19.91 -5.58 -13.29
C SER A 562 18.85 -4.49 -13.48
N ALA A 563 17.68 -4.87 -14.00
CA ALA A 563 16.56 -3.94 -14.25
C ALA A 563 15.91 -3.37 -12.98
N LEU A 564 15.73 -4.22 -11.97
CA LEU A 564 15.20 -3.78 -10.69
C LEU A 564 16.07 -2.68 -10.07
N GLU A 565 17.39 -2.79 -10.22
CA GLU A 565 18.32 -1.75 -9.75
C GLU A 565 18.02 -0.40 -10.43
N LEU A 566 17.83 -0.44 -11.74
CA LEU A 566 17.53 0.78 -12.51
C LEU A 566 16.23 1.48 -12.11
N LEU A 567 15.28 0.74 -11.51
CA LEU A 567 14.04 1.33 -10.98
C LEU A 567 14.20 2.23 -9.75
N ASP A 568 15.35 2.18 -9.09
CA ASP A 568 15.59 2.94 -7.86
C ASP A 568 15.61 4.45 -8.14
N PHE A 569 15.20 5.24 -7.14
CA PHE A 569 15.21 6.72 -7.18
C PHE A 569 16.51 7.39 -7.67
N SER A 570 17.64 6.70 -7.55
CA SER A 570 18.93 7.16 -8.10
C SER A 570 18.96 7.40 -9.62
N PHE A 571 18.03 6.78 -10.35
CA PHE A 571 17.94 6.91 -11.81
C PHE A 571 16.57 7.48 -12.21
N PRO A 572 16.38 8.81 -12.05
CA PRO A 572 15.10 9.44 -12.34
C PRO A 572 14.73 9.63 -13.83
N ASP A 573 15.72 9.78 -14.70
CA ASP A 573 15.47 10.09 -16.12
C ASP A 573 14.53 9.05 -16.75
N CYS A 574 13.46 9.52 -17.37
CA CYS A 574 12.42 8.63 -17.94
C CYS A 574 12.93 7.62 -18.97
N HIS A 575 14.06 7.90 -19.59
CA HIS A 575 14.68 6.99 -20.57
C HIS A 575 15.22 5.75 -19.85
N VAL A 576 15.82 5.96 -18.66
CA VAL A 576 16.22 4.88 -17.78
C VAL A 576 14.99 4.09 -17.32
N GLY A 577 14.00 4.80 -16.79
CA GLY A 577 12.72 4.19 -16.42
C GLY A 577 12.10 3.35 -17.52
N SER A 578 12.15 3.86 -18.75
CA SER A 578 11.62 3.14 -19.90
C SER A 578 12.41 1.87 -20.17
N PHE A 579 13.74 2.04 -20.28
CA PHE A 579 14.67 0.90 -20.47
C PHE A 579 14.48 -0.16 -19.38
N ALA A 580 14.33 0.29 -18.13
CA ALA A 580 14.09 -0.60 -17.00
C ALA A 580 12.87 -1.48 -17.24
N ILE A 581 11.73 -0.84 -17.52
CA ILE A 581 10.45 -1.53 -17.75
C ILE A 581 10.53 -2.50 -18.94
N LYS A 582 11.20 -2.09 -20.02
CA LYS A 582 11.42 -2.96 -21.18
C LYS A 582 12.14 -4.25 -20.80
N SER A 583 13.17 -4.14 -19.96
CA SER A 583 13.89 -5.32 -19.45
C SER A 583 13.02 -6.13 -18.47
N LEU A 584 12.14 -5.44 -17.74
CA LEU A 584 11.18 -6.13 -16.84
C LEU A 584 10.02 -6.86 -17.58
N ARG A 585 9.77 -6.53 -18.84
CA ARG A 585 8.66 -7.16 -19.58
C ARG A 585 8.81 -8.67 -19.80
N LYS A 586 10.04 -9.20 -19.71
CA LYS A 586 10.23 -10.65 -19.81
C LYS A 586 9.81 -11.43 -18.56
N LEU A 587 9.57 -10.72 -17.45
CA LEU A 587 9.01 -11.32 -16.23
C LEU A 587 7.76 -12.16 -16.46
N THR A 588 7.79 -13.41 -16.01
CA THR A 588 6.59 -14.22 -15.87
C THR A 588 5.71 -13.63 -14.76
N ASP A 589 4.44 -14.02 -14.76
CA ASP A 589 3.47 -13.48 -13.81
C ASP A 589 3.81 -13.88 -12.39
N ASP A 590 4.16 -15.15 -12.22
CA ASP A 590 4.63 -15.65 -10.91
C ASP A 590 5.79 -14.80 -10.40
N GLU A 591 6.79 -14.55 -11.25
CA GLU A 591 7.93 -13.72 -10.84
C GLU A 591 7.54 -12.27 -10.57
N LEU A 592 6.67 -11.72 -11.41
CA LEU A 592 6.19 -10.34 -11.22
C LEU A 592 5.47 -10.22 -9.89
N PHE A 593 4.71 -11.27 -9.52
CA PHE A 593 4.00 -11.27 -8.25
C PHE A 593 4.92 -11.21 -7.04
N GLN A 594 6.11 -11.79 -7.18
CA GLN A 594 7.10 -11.84 -6.13
C GLN A 594 7.64 -10.44 -5.82
N TYR A 595 7.64 -9.54 -6.81
CA TYR A 595 8.16 -8.17 -6.65
C TYR A 595 7.07 -7.06 -6.62
N LEU A 596 5.80 -7.44 -6.68
CA LEU A 596 4.69 -6.48 -6.82
C LEU A 596 4.70 -5.42 -5.73
N LEU A 597 4.93 -5.84 -4.49
CA LEU A 597 4.98 -4.92 -3.35
C LEU A 597 6.02 -3.83 -3.60
N GLN A 598 7.19 -4.24 -4.09
CA GLN A 598 8.27 -3.30 -4.33
C GLN A 598 7.90 -2.40 -5.50
N LEU A 599 7.42 -3.01 -6.59
CA LEU A 599 6.98 -2.24 -7.76
C LEU A 599 5.90 -1.19 -7.41
N VAL A 600 4.96 -1.54 -6.55
CA VAL A 600 3.97 -0.55 -6.10
C VAL A 600 4.63 0.60 -5.37
N GLN A 601 5.62 0.34 -4.51
CA GLN A 601 6.29 1.41 -3.78
C GLN A 601 7.09 2.34 -4.70
N VAL A 602 7.60 1.84 -5.82
CA VAL A 602 8.32 2.67 -6.79
C VAL A 602 7.42 3.78 -7.40
N LEU A 603 6.12 3.52 -7.52
CA LEU A 603 5.15 4.54 -7.95
C LEU A 603 5.29 5.84 -7.13
N LYS A 604 5.50 5.70 -5.82
CA LYS A 604 5.57 6.84 -4.92
C LYS A 604 6.56 7.91 -5.33
N TYR A 605 7.68 7.53 -5.97
CA TYR A 605 8.69 8.50 -6.40
C TYR A 605 8.72 8.77 -7.90
N GLU A 606 7.76 8.25 -8.64
CA GLU A 606 7.53 8.67 -10.03
C GLU A 606 7.14 10.16 -10.05
N SER A 607 7.55 10.85 -11.11
CA SER A 607 7.34 12.30 -11.22
C SER A 607 5.91 12.62 -11.64
N TYR A 608 5.47 12.02 -12.74
CA TYR A 608 4.18 12.32 -13.37
C TYR A 608 3.20 11.17 -13.19
N LEU A 609 1.91 11.43 -13.40
CA LEU A 609 0.87 10.40 -13.26
C LEU A 609 0.97 9.35 -14.36
N ASP A 610 0.89 9.81 -15.61
CA ASP A 610 0.96 8.95 -16.80
C ASP A 610 2.41 8.51 -17.03
N CYS A 611 2.73 7.30 -16.56
CA CYS A 611 4.10 6.76 -16.62
C CYS A 611 4.13 5.29 -17.02
N GLU A 612 5.28 4.85 -17.55
CA GLU A 612 5.43 3.49 -18.06
C GLU A 612 5.29 2.37 -17.00
N LEU A 613 5.65 2.65 -15.75
CA LEU A 613 5.45 1.67 -14.66
C LEU A 613 3.96 1.41 -14.41
N THR A 614 3.18 2.50 -14.28
CA THR A 614 1.72 2.39 -14.06
C THR A 614 1.02 1.67 -15.22
N LYS A 615 1.36 2.08 -16.43
CA LYS A 615 0.86 1.39 -17.63
C LYS A 615 1.25 -0.08 -17.60
N PHE A 616 2.47 -0.38 -17.12
CA PHE A 616 2.94 -1.76 -17.00
C PHE A 616 2.09 -2.52 -15.99
N LEU A 617 1.93 -1.95 -14.81
CA LEU A 617 1.14 -2.58 -13.75
C LEU A 617 -0.32 -2.80 -14.15
N LEU A 618 -0.94 -1.81 -14.80
CA LEU A 618 -2.34 -1.97 -15.26
C LEU A 618 -2.46 -3.02 -16.36
N ASP A 619 -1.58 -2.98 -17.34
CA ASP A 619 -1.54 -3.98 -18.38
C ASP A 619 -1.48 -5.38 -17.78
N ARG A 620 -0.59 -5.58 -16.81
CA ARG A 620 -0.41 -6.91 -16.20
C ARG A 620 -1.57 -7.28 -15.26
N ALA A 621 -2.08 -6.30 -14.52
CA ALA A 621 -3.27 -6.48 -13.67
C ALA A 621 -4.54 -6.85 -14.46
N LEU A 622 -4.73 -6.21 -15.62
CA LEU A 622 -5.84 -6.53 -16.51
C LEU A 622 -5.72 -7.90 -17.19
N ALA A 623 -4.49 -8.43 -17.29
CA ALA A 623 -4.25 -9.76 -17.86
C ALA A 623 -4.26 -10.90 -16.83
N ASN A 624 -4.10 -10.57 -15.55
CA ASN A 624 -4.03 -11.58 -14.49
C ASN A 624 -4.79 -11.09 -13.26
N ARG A 625 -5.82 -11.82 -12.87
CA ARG A 625 -6.71 -11.36 -11.80
C ARG A 625 -6.08 -11.45 -10.39
N LYS A 626 -5.14 -12.35 -10.18
CA LYS A 626 -4.37 -12.37 -8.92
C LYS A 626 -3.54 -11.09 -8.82
N ILE A 627 -2.79 -10.77 -9.88
CA ILE A 627 -2.01 -9.53 -9.93
C ILE A 627 -2.93 -8.33 -9.67
N GLY A 628 -4.04 -8.27 -10.40
CA GLY A 628 -5.07 -7.23 -10.21
C GLY A 628 -5.65 -7.14 -8.81
N HIS A 629 -6.01 -8.29 -8.24
CA HIS A 629 -6.50 -8.38 -6.85
C HIS A 629 -5.54 -7.73 -5.88
N PHE A 630 -4.31 -8.21 -5.88
CA PHE A 630 -3.33 -7.76 -4.91
C PHE A 630 -2.84 -6.37 -5.26
N LEU A 631 -2.83 -6.02 -6.54
CA LEU A 631 -2.56 -4.63 -6.94
C LEU A 631 -3.62 -3.72 -6.32
N PHE A 632 -4.89 -4.15 -6.37
CA PHE A 632 -5.97 -3.36 -5.80
C PHE A 632 -5.72 -3.07 -4.34
N TRP A 633 -5.51 -4.12 -3.55
CA TRP A 633 -5.35 -3.96 -2.10
C TRP A 633 -4.08 -3.19 -1.68
N HIS A 634 -2.97 -3.40 -2.40
CA HIS A 634 -1.77 -2.63 -2.09
C HIS A 634 -2.06 -1.14 -2.19
N LEU A 635 -2.76 -0.74 -3.24
CA LEU A 635 -3.13 0.67 -3.45
C LEU A 635 -4.24 1.10 -2.49
N ARG A 636 -5.29 0.30 -2.38
CA ARG A 636 -6.42 0.65 -1.50
C ARG A 636 -5.97 0.94 -0.07
N SER A 637 -5.06 0.12 0.43
CA SER A 637 -4.59 0.20 1.81
C SER A 637 -3.73 1.43 2.11
N GLU A 638 -3.31 2.18 1.09
CA GLU A 638 -2.67 3.51 1.30
C GLU A 638 -3.48 4.74 0.81
N MET A 639 -4.77 4.55 0.54
CA MET A 639 -5.65 5.67 0.12
C MET A 639 -5.83 6.75 1.18
N HIS A 640 -5.65 6.38 2.44
CA HIS A 640 -5.63 7.34 3.56
C HIS A 640 -4.37 8.22 3.64
N VAL A 641 -3.38 8.03 2.76
CA VAL A 641 -2.13 8.79 2.78
C VAL A 641 -2.15 9.92 1.74
N PRO A 642 -2.20 11.19 2.18
CA PRO A 642 -2.33 12.32 1.26
C PRO A 642 -1.33 12.37 0.10
N SER A 643 -0.09 11.92 0.33
CA SER A 643 0.94 12.01 -0.71
C SER A 643 0.67 11.09 -1.88
N VAL A 644 -0.01 9.96 -1.63
CA VAL A 644 -0.35 8.98 -2.69
C VAL A 644 -1.85 8.88 -3.04
N ALA A 645 -2.73 9.46 -2.22
CA ALA A 645 -4.20 9.32 -2.41
C ALA A 645 -4.65 9.59 -3.85
N LEU A 646 -4.25 10.73 -4.40
CA LEU A 646 -4.58 11.06 -5.78
C LEU A 646 -4.05 10.01 -6.74
N ARG A 647 -2.75 9.76 -6.70
CA ARG A 647 -2.13 8.84 -7.68
C ARG A 647 -2.75 7.47 -7.65
N PHE A 648 -2.87 6.90 -6.47
CA PHE A 648 -3.39 5.53 -6.31
C PHE A 648 -4.87 5.49 -6.60
N GLY A 649 -5.59 6.53 -6.19
CA GLY A 649 -7.01 6.66 -6.52
C GLY A 649 -7.25 6.59 -8.03
N LEU A 650 -6.48 7.36 -8.79
CA LEU A 650 -6.61 7.34 -10.25
C LEU A 650 -6.32 5.96 -10.85
N ILE A 651 -5.35 5.22 -10.30
CA ILE A 651 -5.03 3.87 -10.82
C ILE A 651 -6.15 2.88 -10.51
N LEU A 652 -6.58 2.85 -9.25
CA LEU A 652 -7.72 2.02 -8.85
C LEU A 652 -8.96 2.28 -9.75
N GLU A 653 -9.25 3.54 -10.05
CA GLU A 653 -10.35 3.87 -10.95
C GLU A 653 -10.17 3.16 -12.30
N ALA A 654 -9.03 3.37 -12.95
CA ALA A 654 -8.76 2.72 -14.24
C ALA A 654 -8.75 1.19 -14.13
N TYR A 655 -8.24 0.63 -13.02
CA TYR A 655 -8.30 -0.83 -12.80
C TYR A 655 -9.73 -1.32 -12.77
N CYS A 656 -10.56 -0.64 -11.97
CA CYS A 656 -11.99 -0.94 -11.85
C CYS A 656 -12.72 -0.92 -13.19
N ARG A 657 -12.41 0.05 -14.04
CA ARG A 657 -13.10 0.19 -15.32
C ARG A 657 -12.79 -0.98 -16.25
N GLY A 658 -11.55 -1.48 -16.19
CA GLY A 658 -11.15 -2.65 -16.96
C GLY A 658 -11.47 -3.98 -16.29
N SER A 659 -12.08 -3.94 -15.11
CA SER A 659 -12.35 -5.14 -14.31
C SER A 659 -13.68 -5.01 -13.58
N THR A 660 -14.75 -5.01 -14.36
CA THR A 660 -16.10 -4.78 -13.84
C THR A 660 -16.62 -5.94 -13.01
N HIS A 661 -16.30 -7.16 -13.43
CA HIS A 661 -16.66 -8.36 -12.66
C HIS A 661 -15.96 -8.36 -11.31
N HIS A 662 -14.64 -8.21 -11.33
CA HIS A 662 -13.83 -8.24 -10.11
C HIS A 662 -14.17 -7.11 -9.13
N MET A 663 -14.68 -6.00 -9.66
CA MET A 663 -15.21 -4.89 -8.85
C MET A 663 -16.27 -5.36 -7.84
N LYS A 664 -17.13 -6.30 -8.24
CA LYS A 664 -18.16 -6.84 -7.35
C LYS A 664 -17.58 -7.67 -6.19
N VAL A 665 -16.62 -8.53 -6.51
CA VAL A 665 -15.93 -9.34 -5.49
C VAL A 665 -15.22 -8.45 -4.46
N LEU A 666 -14.48 -7.46 -4.96
CA LEU A 666 -13.79 -6.50 -4.10
C LEU A 666 -14.75 -5.67 -3.23
N MET A 667 -15.96 -5.41 -3.72
CA MET A 667 -16.97 -4.70 -2.95
C MET A 667 -17.43 -5.53 -1.75
N LYS A 668 -17.75 -6.79 -1.98
CA LYS A 668 -18.18 -7.69 -0.89
C LYS A 668 -17.07 -7.86 0.18
N GLN A 669 -15.81 -7.77 -0.23
CA GLN A 669 -14.68 -7.80 0.71
C GLN A 669 -14.64 -6.55 1.58
N GLY A 670 -14.63 -5.37 0.93
CA GLY A 670 -14.65 -4.08 1.63
C GLY A 670 -15.82 -3.97 2.59
N GLU A 671 -16.97 -4.48 2.18
CA GLU A 671 -18.17 -4.53 3.02
C GLU A 671 -17.99 -5.47 4.22
N ALA A 672 -17.26 -6.57 4.01
CA ALA A 672 -16.83 -7.44 5.10
C ALA A 672 -15.90 -6.67 6.03
N LEU A 673 -14.90 -6.04 5.44
CA LEU A 673 -13.86 -5.33 6.19
C LEU A 673 -14.42 -4.18 7.01
N SER A 674 -15.38 -3.47 6.44
CA SER A 674 -16.12 -2.42 7.12
C SER A 674 -16.83 -2.95 8.37
N LYS A 675 -17.45 -4.12 8.23
CA LYS A 675 -18.16 -4.77 9.34
C LYS A 675 -17.21 -5.26 10.44
N LEU A 676 -16.06 -5.80 10.04
CA LEU A 676 -15.06 -6.31 10.99
C LEU A 676 -14.42 -5.21 11.86
N LYS A 677 -14.13 -4.06 11.26
CA LYS A 677 -13.73 -2.84 12.00
C LYS A 677 -14.81 -2.46 13.01
N ALA A 678 -16.04 -2.34 12.53
CA ALA A 678 -17.19 -2.04 13.39
C ALA A 678 -17.37 -3.07 14.52
N LEU A 679 -17.12 -4.34 14.20
CA LEU A 679 -17.21 -5.42 15.18
C LEU A 679 -16.07 -5.34 16.17
N ASN A 680 -14.86 -5.06 15.66
CA ASN A 680 -13.66 -4.90 16.51
C ASN A 680 -13.78 -3.71 17.46
N ASP A 681 -14.47 -2.64 17.02
CA ASP A 681 -14.77 -1.49 17.89
C ASP A 681 -15.57 -1.92 19.12
N PHE A 682 -16.55 -2.80 18.92
CA PHE A 682 -17.41 -3.28 20.02
C PHE A 682 -16.62 -4.13 21.02
N VAL A 683 -15.74 -4.99 20.52
CA VAL A 683 -14.83 -5.76 21.37
C VAL A 683 -13.87 -4.82 22.13
N LYS A 684 -13.39 -3.76 21.48
CA LYS A 684 -12.53 -2.76 22.14
C LYS A 684 -13.23 -1.98 23.27
N LEU A 685 -14.51 -1.66 23.09
CA LEU A 685 -15.29 -0.98 24.12
C LEU A 685 -15.64 -1.94 25.28
N SER A 686 -16.15 -3.11 24.92
CA SER A 686 -16.61 -4.11 25.91
C SER A 686 -15.50 -4.83 26.69
N SER A 687 -14.31 -4.94 26.11
CA SER A 687 -13.14 -5.53 26.81
C SER A 687 -12.68 -4.69 28.00
N GLN A 688 -12.80 -3.37 27.87
CA GLN A 688 -12.45 -2.43 28.95
C GLN A 688 -13.42 -2.48 30.15
N LYS A 689 -14.62 -3.00 29.96
CA LYS A 689 -15.63 -3.15 31.02
C LYS A 689 -15.79 -4.61 31.48
N THR A 690 -16.22 -5.47 30.55
CA THR A 690 -16.57 -6.88 30.86
C THR A 690 -15.36 -7.83 30.85
N PRO A 691 -15.50 -9.02 31.48
CA PRO A 691 -14.46 -10.06 31.36
C PRO A 691 -14.50 -10.80 30.01
N LYS A 692 -13.48 -11.62 29.79
CA LYS A 692 -13.23 -12.25 28.47
C LYS A 692 -14.28 -13.27 27.97
N PRO A 693 -14.72 -14.23 28.81
CA PRO A 693 -15.68 -15.24 28.34
C PRO A 693 -17.04 -14.68 27.89
N GLN A 694 -17.55 -13.69 28.61
CA GLN A 694 -18.85 -13.07 28.32
C GLN A 694 -18.80 -12.15 27.09
N THR A 695 -17.70 -11.41 26.95
CA THR A 695 -17.50 -10.52 25.79
C THR A 695 -17.44 -11.27 24.46
N LYS A 696 -16.94 -12.51 24.49
CA LYS A 696 -16.97 -13.42 23.32
C LYS A 696 -18.39 -13.70 22.84
N GLU A 697 -19.29 -13.97 23.80
CA GLU A 697 -20.72 -14.13 23.52
C GLU A 697 -21.39 -12.83 23.06
N LEU A 698 -20.95 -11.71 23.64
CA LEU A 698 -21.42 -10.37 23.22
C LEU A 698 -20.98 -10.00 21.79
N MET A 699 -19.81 -10.50 21.37
CA MET A 699 -19.37 -10.38 19.98
C MET A 699 -20.26 -11.19 19.04
N HIS A 700 -20.61 -12.40 19.46
CA HIS A 700 -21.47 -13.29 18.65
C HIS A 700 -22.84 -12.68 18.39
N LEU A 701 -23.47 -12.12 19.42
CA LEU A 701 -24.77 -11.45 19.30
C LEU A 701 -24.81 -10.38 18.21
N CYS A 702 -23.73 -9.61 18.08
CA CYS A 702 -23.56 -8.66 16.98
C CYS A 702 -23.40 -9.38 15.64
N MET A 703 -22.61 -10.45 15.63
CA MET A 703 -22.33 -11.23 14.40
C MET A 703 -23.53 -12.03 13.87
N ARG A 704 -24.42 -12.46 14.75
CA ARG A 704 -25.64 -13.20 14.37
C ARG A 704 -26.66 -12.35 13.60
N GLN A 705 -26.59 -11.02 13.74
CA GLN A 705 -27.53 -10.08 13.08
C GLN A 705 -27.63 -10.24 11.56
N GLU A 706 -28.74 -9.77 11.00
CA GLU A 706 -29.03 -9.89 9.56
C GLU A 706 -27.98 -9.21 8.69
N ALA A 707 -27.58 -8.00 9.08
CA ALA A 707 -26.57 -7.23 8.35
C ALA A 707 -25.17 -7.84 8.48
N TYR A 708 -24.79 -8.17 9.72
CA TYR A 708 -23.46 -8.73 10.01
C TYR A 708 -23.24 -10.15 9.51
N LEU A 709 -24.30 -10.95 9.38
CA LEU A 709 -24.18 -12.32 8.87
C LEU A 709 -23.92 -12.31 7.37
N GLU A 710 -24.85 -11.72 6.62
CA GLU A 710 -24.80 -11.72 5.14
C GLU A 710 -23.55 -11.01 4.56
N ALA A 711 -23.09 -9.96 5.24
CA ALA A 711 -21.91 -9.21 4.83
C ALA A 711 -20.60 -9.98 5.08
N LEU A 712 -20.58 -10.78 6.16
CA LEU A 712 -19.41 -11.62 6.49
C LEU A 712 -19.43 -12.97 5.78
N SER A 713 -20.58 -13.42 5.31
CA SER A 713 -20.71 -14.75 4.67
C SER A 713 -20.38 -14.71 3.17
N HIS A 714 -19.89 -15.83 2.66
CA HIS A 714 -19.83 -16.11 1.20
C HIS A 714 -19.04 -15.08 0.37
N LEU A 715 -17.74 -14.96 0.68
CA LEU A 715 -16.85 -14.02 0.00
C LEU A 715 -15.51 -14.69 -0.33
N GLN A 716 -14.88 -14.24 -1.41
CA GLN A 716 -13.50 -14.62 -1.69
C GLN A 716 -12.61 -13.95 -0.64
N SER A 717 -11.65 -14.70 -0.12
CA SER A 717 -10.70 -14.17 0.86
C SER A 717 -9.86 -13.07 0.21
N PRO A 718 -9.65 -11.95 0.91
CA PRO A 718 -8.63 -11.02 0.47
C PRO A 718 -7.21 -11.63 0.50
N LEU A 719 -6.94 -12.51 1.45
CA LEU A 719 -5.61 -13.16 1.57
C LEU A 719 -5.30 -14.12 0.42
N ASP A 720 -6.36 -14.66 -0.20
CA ASP A 720 -6.21 -15.52 -1.36
C ASP A 720 -7.55 -15.56 -2.08
N PRO A 721 -7.65 -14.91 -3.24
CA PRO A 721 -8.94 -14.89 -3.93
C PRO A 721 -9.43 -16.26 -4.44
N SER A 722 -8.53 -17.26 -4.48
CA SER A 722 -8.93 -18.65 -4.78
C SER A 722 -9.68 -19.31 -3.60
N THR A 723 -9.36 -18.91 -2.37
CA THR A 723 -10.04 -19.43 -1.17
C THR A 723 -11.46 -18.86 -1.08
N LEU A 724 -12.44 -19.73 -0.87
CA LEU A 724 -13.83 -19.32 -0.71
C LEU A 724 -14.25 -19.43 0.76
N LEU A 725 -14.39 -18.28 1.41
CA LEU A 725 -14.85 -18.21 2.80
C LEU A 725 -16.37 -18.19 2.80
N ALA A 726 -16.99 -19.37 2.90
CA ALA A 726 -18.45 -19.50 2.76
C ALA A 726 -19.23 -19.17 4.06
N GLU A 727 -19.38 -20.15 4.95
CA GLU A 727 -20.18 -19.98 6.18
C GLU A 727 -19.29 -19.67 7.39
N VAL A 728 -19.54 -18.53 8.04
CA VAL A 728 -18.84 -18.17 9.28
C VAL A 728 -19.24 -19.13 10.42
N CYS A 729 -18.26 -19.50 11.24
CA CYS A 729 -18.50 -20.36 12.42
C CYS A 729 -18.53 -19.50 13.67
N VAL A 730 -19.69 -18.89 13.93
CA VAL A 730 -19.84 -17.89 15.00
C VAL A 730 -19.43 -18.41 16.38
N GLU A 731 -19.77 -19.67 16.68
CA GLU A 731 -19.36 -20.31 17.94
C GLU A 731 -17.84 -20.43 18.07
N GLN A 732 -17.17 -20.77 16.96
CA GLN A 732 -15.71 -20.90 16.93
C GLN A 732 -14.96 -19.55 16.94
N CYS A 733 -15.65 -18.47 16.57
CA CYS A 733 -15.02 -17.15 16.50
C CYS A 733 -14.76 -16.59 17.91
N THR A 734 -13.50 -16.18 18.16
CA THR A 734 -13.09 -15.59 19.44
C THR A 734 -12.16 -14.38 19.20
N PHE A 735 -11.44 -13.96 20.23
CA PHE A 735 -10.49 -12.84 20.13
C PHE A 735 -9.40 -12.92 21.19
N MET A 736 -8.34 -12.16 20.98
CA MET A 736 -7.21 -12.08 21.91
C MET A 736 -7.32 -10.77 22.70
N ASP A 737 -7.60 -10.87 24.00
CA ASP A 737 -7.64 -9.71 24.89
C ASP A 737 -6.22 -9.39 25.36
N SER A 738 -5.42 -8.83 24.45
CA SER A 738 -3.99 -8.61 24.68
C SER A 738 -3.57 -7.15 24.45
N LYS A 739 -3.59 -6.71 23.19
CA LYS A 739 -3.12 -5.36 22.84
C LYS A 739 -4.11 -4.67 21.89
N MET A 740 -4.02 -4.93 20.58
CA MET A 740 -4.96 -4.36 19.61
C MET A 740 -6.13 -5.31 19.32
N LYS A 741 -6.48 -6.12 20.32
CA LYS A 741 -7.67 -6.98 20.34
C LYS A 741 -8.05 -7.59 18.99
N PRO A 742 -7.12 -8.36 18.41
CA PRO A 742 -7.38 -8.93 17.09
C PRO A 742 -8.52 -9.95 17.15
N LEU A 743 -9.36 -9.96 16.11
CA LEU A 743 -10.53 -10.82 16.03
C LEU A 743 -10.20 -12.06 15.20
N TRP A 744 -10.58 -13.23 15.73
CA TRP A 744 -10.31 -14.52 15.13
C TRP A 744 -11.61 -14.97 14.45
N ILE A 745 -11.70 -14.80 13.13
CA ILE A 745 -12.92 -15.17 12.38
C ILE A 745 -12.73 -16.53 11.70
N MET A 746 -13.53 -17.51 12.10
CA MET A 746 -13.48 -18.87 11.54
C MET A 746 -14.55 -19.09 10.47
N TYR A 747 -14.19 -19.86 9.44
CA TYR A 747 -15.09 -20.21 8.34
C TYR A 747 -15.16 -21.72 8.11
N SER A 748 -16.34 -22.19 7.71
CA SER A 748 -16.55 -23.58 7.26
C SER A 748 -17.34 -23.61 5.96
N ASN A 749 -17.13 -24.67 5.18
CA ASN A 749 -17.88 -24.92 3.95
C ASN A 749 -17.80 -26.38 3.51
N GLU A 750 -18.95 -26.97 3.16
CA GLU A 750 -19.08 -28.40 2.89
C GLU A 750 -18.58 -28.85 1.49
N GLU A 751 -17.95 -27.94 0.75
CA GLU A 751 -17.34 -28.24 -0.56
C GLU A 751 -15.85 -28.56 -0.48
N ALA A 752 -15.12 -27.88 0.43
CA ALA A 752 -13.64 -27.89 0.46
C ALA A 752 -13.01 -29.26 0.76
N GLY A 753 -13.32 -29.84 1.91
CA GLY A 753 -12.83 -31.18 2.28
C GLY A 753 -12.84 -31.50 3.76
N SER A 754 -12.02 -32.48 4.15
CA SER A 754 -11.84 -32.86 5.56
C SER A 754 -11.11 -31.77 6.33
N GLY A 755 -10.05 -31.22 5.72
CA GLY A 755 -9.34 -30.04 6.25
C GLY A 755 -9.80 -28.76 5.57
N GLY A 756 -11.12 -28.62 5.39
CA GLY A 756 -11.72 -27.51 4.64
C GLY A 756 -12.39 -26.48 5.53
N SER A 757 -11.60 -25.84 6.39
CA SER A 757 -12.05 -24.74 7.23
C SER A 757 -10.98 -23.64 7.22
N VAL A 758 -11.29 -22.51 6.60
CA VAL A 758 -10.39 -21.37 6.60
C VAL A 758 -10.62 -20.51 7.84
N GLY A 759 -9.58 -19.78 8.23
CA GLY A 759 -9.66 -18.80 9.30
C GLY A 759 -8.90 -17.56 8.88
N ILE A 760 -9.31 -16.41 9.43
CA ILE A 760 -8.65 -15.13 9.17
C ILE A 760 -8.63 -14.31 10.45
N ILE A 761 -7.49 -13.65 10.71
CA ILE A 761 -7.35 -12.75 11.85
C ILE A 761 -7.50 -11.33 11.35
N PHE A 762 -8.57 -10.66 11.75
CA PHE A 762 -8.73 -9.23 11.49
C PHE A 762 -7.96 -8.50 12.58
N LYS A 763 -7.31 -7.40 12.23
CA LYS A 763 -6.41 -6.70 13.18
C LYS A 763 -6.35 -5.22 12.86
N ASN A 764 -6.74 -4.39 13.84
CA ASN A 764 -6.88 -2.94 13.66
C ASN A 764 -6.16 -2.20 14.77
N GLY A 765 -5.16 -1.37 14.40
CA GLY A 765 -4.36 -0.61 15.37
C GLY A 765 -2.86 -0.66 15.12
N ASP A 766 -2.36 -1.83 14.72
CA ASP A 766 -0.97 -1.97 14.28
C ASP A 766 -0.87 -1.74 12.78
N ASP A 767 0.33 -1.40 12.33
CA ASP A 767 0.67 -1.27 10.92
C ASP A 767 1.31 -2.59 10.47
N LEU A 768 0.70 -3.24 9.49
CA LEU A 768 1.09 -4.60 9.06
C LEU A 768 2.08 -4.67 7.89
N ARG A 769 2.57 -3.52 7.43
CA ARG A 769 3.38 -3.49 6.22
C ARG A 769 4.76 -4.12 6.42
N GLN A 770 5.41 -3.84 7.53
CA GLN A 770 6.71 -4.46 7.84
C GLN A 770 6.55 -5.97 8.02
N ASP A 771 5.51 -6.37 8.76
CA ASP A 771 5.11 -7.76 8.88
C ASP A 771 4.99 -8.42 7.51
N MET A 772 4.31 -7.74 6.59
CA MET A 772 4.13 -8.23 5.22
C MET A 772 5.42 -8.33 4.43
N LEU A 773 6.29 -7.34 4.56
CA LEU A 773 7.58 -7.36 3.87
C LEU A 773 8.38 -8.57 4.36
N THR A 774 8.47 -8.70 5.68
CA THR A 774 9.18 -9.80 6.33
C THR A 774 8.73 -11.17 5.81
N LEU A 775 7.42 -11.42 5.87
CA LEU A 775 6.84 -12.70 5.42
C LEU A 775 7.09 -12.96 3.94
N GLN A 776 6.92 -11.90 3.14
CA GLN A 776 7.18 -11.95 1.72
C GLN A 776 8.66 -12.30 1.45
N MET A 777 9.57 -11.66 2.20
CA MET A 777 10.99 -12.02 2.10
C MET A 777 11.27 -13.46 2.52
N ILE A 778 10.55 -13.96 3.53
CA ILE A 778 10.64 -15.38 3.91
C ILE A 778 10.04 -16.30 2.83
N GLN A 779 8.97 -15.86 2.17
CA GLN A 779 8.44 -16.57 1.00
C GLN A 779 9.54 -16.71 -0.03
N LEU A 780 10.18 -15.59 -0.37
CA LEU A 780 11.19 -15.60 -1.43
C LEU A 780 12.35 -16.55 -1.10
N MET A 781 12.76 -16.56 0.17
CA MET A 781 13.75 -17.53 0.63
C MET A 781 13.26 -18.95 0.37
N ASP A 782 11.99 -19.22 0.71
CA ASP A 782 11.39 -20.54 0.52
C ASP A 782 11.34 -20.95 -0.95
N VAL A 783 11.13 -19.99 -1.84
CA VAL A 783 11.13 -20.27 -3.28
C VAL A 783 12.55 -20.57 -3.73
N LEU A 784 13.47 -19.65 -3.41
CA LEU A 784 14.88 -19.78 -3.79
C LEU A 784 15.50 -21.11 -3.35
N TRP A 785 15.13 -21.59 -2.16
CA TRP A 785 15.62 -22.87 -1.66
C TRP A 785 15.04 -24.04 -2.46
N LYS A 786 13.72 -23.99 -2.71
CA LYS A 786 13.05 -25.04 -3.51
C LYS A 786 13.62 -25.19 -4.92
N GLN A 787 13.95 -24.07 -5.57
CA GLN A 787 14.58 -24.10 -6.91
C GLN A 787 15.89 -24.87 -6.90
N GLU A 788 16.73 -24.60 -5.90
CA GLU A 788 18.01 -25.29 -5.72
C GLU A 788 17.86 -26.67 -5.06
N GLY A 789 16.64 -27.05 -4.66
CA GLY A 789 16.31 -28.43 -4.24
C GLY A 789 16.27 -28.71 -2.75
N LEU A 790 16.08 -27.67 -1.94
CA LEU A 790 15.93 -27.80 -0.48
C LEU A 790 14.54 -27.28 -0.07
N ASP A 791 13.69 -28.20 0.36
CA ASP A 791 12.40 -27.85 0.96
C ASP A 791 12.62 -27.82 2.46
N LEU A 792 12.61 -26.61 3.04
CA LEU A 792 12.76 -26.45 4.47
C LEU A 792 11.40 -26.25 5.17
N ARG A 793 10.38 -26.96 4.69
CA ARG A 793 9.05 -27.04 5.32
C ARG A 793 8.57 -25.76 6.05
N MET A 794 8.55 -24.64 5.31
CA MET A 794 8.22 -23.33 5.88
C MET A 794 6.71 -23.12 5.89
N THR A 795 6.24 -22.21 6.73
CA THR A 795 4.83 -21.79 6.77
C THR A 795 4.74 -20.30 6.42
N PRO A 796 4.63 -19.99 5.11
CA PRO A 796 4.51 -18.61 4.67
C PRO A 796 3.03 -18.18 4.64
N TYR A 797 2.43 -18.11 5.84
CA TYR A 797 1.03 -17.72 5.96
C TYR A 797 0.81 -16.29 5.46
N GLY A 798 -0.39 -16.04 4.93
CA GLY A 798 -0.73 -14.76 4.33
C GLY A 798 -0.87 -13.60 5.29
N CYS A 799 -0.53 -12.41 4.80
CA CYS A 799 -0.66 -11.15 5.55
C CYS A 799 -0.92 -9.99 4.58
N LEU A 800 -2.10 -9.37 4.64
CA LEU A 800 -2.50 -8.33 3.69
C LEU A 800 -2.99 -7.09 4.44
N PRO A 801 -2.26 -5.96 4.34
CA PRO A 801 -2.80 -4.68 4.75
C PRO A 801 -3.93 -4.30 3.83
N THR A 802 -5.08 -3.99 4.44
CA THR A 802 -6.29 -3.62 3.71
C THR A 802 -6.64 -2.14 3.85
N GLY A 803 -6.22 -1.50 4.96
CA GLY A 803 -6.55 -0.09 5.24
C GLY A 803 -5.56 0.63 6.15
N ASP A 804 -6.03 1.68 6.82
CA ASP A 804 -5.20 2.52 7.69
C ASP A 804 -5.00 1.80 9.02
N ARG A 805 -3.81 1.21 9.18
CA ARG A 805 -3.50 0.35 10.32
C ARG A 805 -4.54 -0.76 10.42
N THR A 806 -4.81 -1.41 9.30
CA THR A 806 -5.78 -2.50 9.24
C THR A 806 -5.37 -3.56 8.23
N GLY A 807 -5.56 -4.81 8.59
CA GLY A 807 -5.35 -5.89 7.63
C GLY A 807 -5.77 -7.25 8.14
N LEU A 808 -5.66 -8.23 7.26
CA LEU A 808 -5.86 -9.63 7.59
C LEU A 808 -4.53 -10.38 7.70
N ILE A 809 -4.51 -11.35 8.62
CA ILE A 809 -3.46 -12.37 8.69
C ILE A 809 -4.14 -13.73 8.54
N GLU A 810 -3.56 -14.63 7.75
CA GLU A 810 -4.11 -15.97 7.55
C GLU A 810 -3.90 -16.81 8.81
N VAL A 811 -4.97 -17.47 9.27
CA VAL A 811 -4.87 -18.39 10.39
C VAL A 811 -4.20 -19.66 9.91
N VAL A 812 -3.23 -20.15 10.68
CA VAL A 812 -2.60 -21.44 10.45
C VAL A 812 -3.23 -22.39 11.44
N LEU A 813 -4.00 -23.36 10.93
CA LEU A 813 -4.65 -24.37 11.77
C LEU A 813 -3.65 -25.43 12.27
N ARG A 814 -4.06 -26.14 13.32
CA ARG A 814 -3.23 -27.14 14.00
C ARG A 814 -1.90 -26.52 14.41
N SER A 815 -1.95 -25.64 15.41
CA SER A 815 -0.76 -24.89 15.84
C SER A 815 -0.90 -24.33 17.25
N ASP A 816 0.23 -24.05 17.87
CA ASP A 816 0.26 -23.41 19.19
C ASP A 816 1.61 -22.74 19.43
N THR A 817 1.62 -21.78 20.35
CA THR A 817 2.84 -21.06 20.73
C THR A 817 3.76 -21.99 21.51
N ILE A 818 5.07 -21.71 21.47
CA ILE A 818 6.03 -22.47 22.30
C ILE A 818 5.74 -22.26 23.78
N ALA A 819 5.44 -21.01 24.16
CA ALA A 819 5.06 -20.66 25.54
C ALA A 819 3.98 -21.55 26.15
N ASN A 820 2.88 -21.74 25.42
CA ASN A 820 1.75 -22.55 25.91
C ASN A 820 2.07 -24.05 25.96
N ILE A 821 2.85 -24.56 25.00
CA ILE A 821 3.35 -25.93 25.05
C ILE A 821 4.37 -26.07 26.18
N GLN A 822 5.34 -25.15 26.22
CA GLN A 822 6.33 -25.06 27.31
C GLN A 822 5.75 -24.75 28.71
N LEU A 823 4.49 -24.28 28.77
CA LEU A 823 3.72 -24.19 30.02
C LEU A 823 2.49 -25.10 29.95
N ASP A 837 11.70 -30.82 28.33
CA ASP A 837 10.92 -31.79 29.09
C ASP A 837 9.46 -31.87 28.63
N ALA A 838 8.87 -30.72 28.31
CA ALA A 838 7.48 -30.61 27.87
C ALA A 838 7.31 -30.57 26.35
N LEU A 839 8.18 -29.80 25.68
CA LEU A 839 8.10 -29.61 24.22
C LEU A 839 8.22 -30.91 23.42
N LEU A 840 9.08 -31.81 23.89
CA LEU A 840 9.24 -33.13 23.25
C LEU A 840 7.96 -33.98 23.32
N ASN A 841 7.25 -33.92 24.44
CA ASN A 841 6.03 -34.71 24.65
C ASN A 841 4.83 -34.28 23.80
N TRP A 842 4.75 -33.00 23.46
CA TRP A 842 3.66 -32.48 22.61
C TRP A 842 3.75 -33.02 21.18
N LEU A 843 4.94 -32.93 20.58
CA LEU A 843 5.17 -33.41 19.21
C LEU A 843 5.07 -34.94 19.09
N LYS A 844 5.30 -35.65 20.19
CA LYS A 844 5.06 -37.09 20.26
C LYS A 844 3.57 -37.42 20.16
N SER A 845 2.76 -36.72 20.95
CA SER A 845 1.32 -37.00 21.08
C SER A 845 0.58 -36.86 19.74
N LYS A 846 0.76 -35.72 19.09
CA LYS A 846 0.24 -35.49 17.74
C LYS A 846 1.17 -36.21 16.77
N ASN A 847 0.67 -37.31 16.18
CA ASN A 847 1.46 -38.22 15.32
C ASN A 847 2.49 -39.04 16.13
N PRO A 848 2.01 -40.10 16.84
CA PRO A 848 2.88 -41.01 17.58
C PRO A 848 3.40 -42.18 16.74
N GLY A 849 4.42 -42.87 17.27
CA GLY A 849 4.98 -44.05 16.63
C GLY A 849 5.82 -43.76 15.39
N GLU A 850 5.33 -44.19 14.23
CA GLU A 850 6.10 -44.14 12.97
C GLU A 850 6.22 -42.73 12.41
N ALA A 851 5.13 -41.95 12.49
CA ALA A 851 5.12 -40.56 12.00
C ALA A 851 5.84 -39.54 12.90
N LEU A 852 6.34 -39.99 14.06
CA LEU A 852 7.12 -39.13 14.95
C LEU A 852 8.46 -38.72 14.35
N ASP A 853 9.15 -39.69 13.74
CA ASP A 853 10.42 -39.43 13.04
C ASP A 853 10.26 -38.42 11.90
N ARG A 854 9.14 -38.53 11.17
CA ARG A 854 8.78 -37.54 10.15
C ARG A 854 8.55 -36.15 10.76
N ALA A 855 7.91 -36.10 11.93
CA ALA A 855 7.69 -34.84 12.65
C ALA A 855 8.99 -34.22 13.18
N ILE A 856 9.96 -35.06 13.56
CA ILE A 856 11.31 -34.59 13.91
C ILE A 856 12.02 -34.02 12.69
N GLU A 857 11.88 -34.70 11.56
CA GLU A 857 12.41 -34.23 10.27
C GLU A 857 11.72 -32.94 9.78
N GLU A 858 10.43 -32.78 10.10
CA GLU A 858 9.72 -31.52 9.85
C GLU A 858 10.27 -30.39 10.74
N PHE A 859 10.43 -30.69 12.03
CA PHE A 859 10.93 -29.70 13.01
C PHE A 859 12.35 -29.23 12.67
N THR A 860 13.24 -30.19 12.43
CA THR A 860 14.64 -29.88 12.11
C THR A 860 14.77 -29.07 10.80
N LEU A 861 13.99 -29.44 9.80
CA LEU A 861 14.03 -28.77 8.50
C LEU A 861 13.57 -27.32 8.58
N SER A 862 12.42 -27.09 9.22
CA SER A 862 11.88 -25.74 9.41
C SER A 862 12.71 -24.86 10.34
N CYS A 863 13.28 -25.46 11.39
CA CYS A 863 14.16 -24.73 12.31
C CYS A 863 15.36 -24.14 11.57
N ALA A 864 15.96 -24.95 10.72
CA ALA A 864 17.07 -24.54 9.85
C ALA A 864 16.73 -23.28 9.08
N GLY A 865 15.60 -23.34 8.36
CA GLY A 865 15.12 -22.22 7.55
C GLY A 865 14.87 -20.95 8.35
N TYR A 866 14.07 -21.09 9.40
CA TYR A 866 13.68 -19.95 10.23
C TYR A 866 14.82 -19.38 11.08
N CYS A 867 15.85 -20.18 11.37
CA CYS A 867 17.05 -19.69 12.06
C CYS A 867 17.94 -18.85 11.11
N VAL A 868 18.05 -19.26 9.85
CA VAL A 868 18.78 -18.49 8.83
C VAL A 868 18.03 -17.22 8.44
N ALA A 869 16.75 -17.38 8.11
CA ALA A 869 15.88 -16.26 7.74
C ALA A 869 15.93 -15.13 8.76
N THR A 870 15.67 -15.48 10.03
CA THR A 870 15.70 -14.50 11.10
C THR A 870 17.10 -13.89 11.30
N TYR A 871 18.13 -14.69 11.05
CA TYR A 871 19.51 -14.21 11.16
C TYR A 871 19.81 -13.21 10.05
N VAL A 872 19.51 -13.58 8.81
CA VAL A 872 19.82 -12.73 7.66
C VAL A 872 19.03 -11.44 7.75
N LEU A 873 17.72 -11.53 7.90
CA LEU A 873 16.87 -10.34 8.01
C LEU A 873 17.08 -9.58 9.32
N GLY A 874 17.69 -10.21 10.33
CA GLY A 874 18.04 -9.51 11.56
C GLY A 874 16.85 -9.29 12.46
N ILE A 875 15.99 -10.30 12.55
CA ILE A 875 14.77 -10.20 13.33
C ILE A 875 15.14 -10.49 14.78
N GLY A 876 14.81 -9.55 15.66
CA GLY A 876 15.07 -9.67 17.11
C GLY A 876 13.80 -9.76 17.92
N ASP A 877 13.94 -9.80 19.25
CA ASP A 877 12.83 -10.02 20.18
C ASP A 877 12.11 -11.34 19.88
N ARG A 878 12.90 -12.41 19.80
CA ARG A 878 12.40 -13.75 19.49
C ARG A 878 12.34 -14.55 20.77
N HIS A 879 11.15 -15.04 21.12
CA HIS A 879 10.92 -15.78 22.36
C HIS A 879 9.63 -16.60 22.35
N SER A 880 9.50 -17.44 23.37
CA SER A 880 8.36 -18.36 23.58
C SER A 880 7.01 -17.98 22.95
N ASP A 881 6.54 -16.76 23.19
CA ASP A 881 5.19 -16.36 22.78
C ASP A 881 5.04 -15.76 21.35
N ASN A 882 6.16 -15.70 20.61
CA ASN A 882 6.11 -15.27 19.20
C ASN A 882 6.75 -16.25 18.21
N ILE A 883 6.92 -17.51 18.65
CA ILE A 883 7.26 -18.63 17.78
C ILE A 883 6.20 -19.70 18.04
N MET A 884 5.70 -20.30 16.96
CA MET A 884 4.65 -21.33 17.06
C MET A 884 5.13 -22.64 16.47
N ILE A 885 4.51 -23.73 16.90
CA ILE A 885 4.81 -25.07 16.39
C ILE A 885 3.53 -25.68 15.86
N ARG A 886 3.61 -26.30 14.68
CA ARG A 886 2.46 -26.99 14.08
C ARG A 886 2.42 -28.45 14.51
N GLU A 887 1.23 -29.05 14.47
CA GLU A 887 1.04 -30.46 14.85
C GLU A 887 1.79 -31.43 13.93
N SER A 888 2.01 -31.02 12.68
CA SER A 888 2.88 -31.77 11.76
C SER A 888 4.33 -31.85 12.25
N GLY A 889 4.76 -30.82 12.99
CA GLY A 889 6.14 -30.70 13.50
C GLY A 889 6.76 -29.33 13.23
N GLN A 890 6.27 -28.62 12.21
CA GLN A 890 6.93 -27.44 11.66
C GLN A 890 6.93 -26.24 12.62
N LEU A 891 8.11 -25.68 12.86
CA LEU A 891 8.25 -24.37 13.51
C LEU A 891 7.87 -23.26 12.53
N PHE A 892 7.29 -22.18 13.05
CA PHE A 892 7.19 -20.91 12.31
C PHE A 892 7.07 -19.71 13.25
N HIS A 893 7.52 -18.55 12.75
CA HIS A 893 7.58 -17.33 13.53
C HIS A 893 6.34 -16.47 13.29
N ILE A 894 6.03 -15.63 14.27
CA ILE A 894 4.92 -14.69 14.19
C ILE A 894 5.30 -13.34 14.79
N ASP A 895 4.45 -12.34 14.52
CA ASP A 895 4.58 -11.01 15.12
C ASP A 895 5.99 -10.45 14.92
N PHE A 896 6.37 -10.24 13.66
CA PHE A 896 7.65 -9.64 13.32
C PHE A 896 7.56 -8.14 13.61
N GLY A 897 7.87 -7.78 14.85
CA GLY A 897 7.85 -6.39 15.28
C GLY A 897 8.97 -5.58 14.65
N HIS A 898 10.19 -6.12 14.72
CA HIS A 898 11.40 -5.42 14.29
C HIS A 898 12.31 -6.31 13.45
N PHE A 899 13.21 -5.68 12.68
CA PHE A 899 14.17 -6.39 11.84
C PHE A 899 15.35 -5.51 11.40
N LEU A 900 16.26 -6.08 10.62
CA LEU A 900 17.55 -5.48 10.22
C LEU A 900 18.37 -4.95 11.40
N GLY A 901 18.33 -5.67 12.51
CA GLY A 901 19.04 -5.26 13.73
C GLY A 901 18.34 -4.24 14.61
N ASN A 902 17.32 -3.57 14.07
CA ASN A 902 16.59 -2.52 14.82
C ASN A 902 15.76 -3.18 15.93
N PHE A 903 15.58 -2.48 17.06
CA PHE A 903 15.11 -3.12 18.30
C PHE A 903 14.47 -2.20 19.35
N LYS A 904 15.27 -1.31 19.95
CA LYS A 904 14.87 -0.50 21.12
C LYS A 904 14.98 1.02 20.89
N THR A 905 13.84 1.69 20.76
CA THR A 905 13.74 3.13 20.44
C THR A 905 14.40 3.51 19.12
N ARG A 911 18.85 -1.27 17.79
CA ARG A 911 19.83 -1.03 16.73
C ARG A 911 21.16 -1.73 17.03
N GLU A 912 21.15 -3.06 16.98
CA GLU A 912 22.34 -3.88 17.25
C GLU A 912 22.34 -5.15 16.39
N ARG A 913 23.52 -5.65 16.05
CA ARG A 913 23.64 -6.82 15.17
C ARG A 913 23.13 -8.08 15.88
N VAL A 914 22.12 -8.72 15.29
CA VAL A 914 21.47 -9.90 15.85
C VAL A 914 22.38 -11.13 15.72
N PRO A 915 22.69 -11.80 16.85
CA PRO A 915 23.45 -13.04 16.74
C PRO A 915 22.58 -14.14 16.17
N PHE A 916 23.20 -15.15 15.59
CA PHE A 916 22.49 -16.36 15.16
C PHE A 916 21.99 -17.02 16.44
N ILE A 917 20.79 -17.61 16.38
CA ILE A 917 20.14 -18.15 17.57
C ILE A 917 19.71 -19.61 17.39
N LEU A 918 20.51 -20.52 17.95
CA LEU A 918 20.08 -21.88 18.26
C LEU A 918 19.61 -21.87 19.72
N THR A 919 18.31 -22.05 19.93
CA THR A 919 17.76 -22.22 21.28
C THR A 919 18.03 -23.65 21.76
N TYR A 920 18.44 -23.78 23.02
CA TYR A 920 18.81 -25.09 23.61
C TYR A 920 17.64 -26.07 23.65
N ASP A 921 16.43 -25.54 23.89
CA ASP A 921 15.20 -26.35 23.84
C ASP A 921 15.01 -26.96 22.45
N PHE A 922 15.24 -26.15 21.42
CA PHE A 922 15.09 -26.59 20.03
C PHE A 922 16.20 -27.54 19.61
N VAL A 923 17.42 -27.31 20.10
CA VAL A 923 18.55 -28.23 19.90
C VAL A 923 18.28 -29.64 20.44
N HIS A 924 17.57 -29.72 21.57
CA HIS A 924 17.19 -31.00 22.19
C HIS A 924 16.27 -31.81 21.28
N VAL A 925 15.23 -31.15 20.76
CA VAL A 925 14.26 -31.79 19.87
C VAL A 925 14.92 -32.32 18.59
N ILE A 926 15.91 -31.57 18.08
CA ILE A 926 16.71 -32.00 16.92
C ILE A 926 17.55 -33.23 17.22
N GLN A 927 18.22 -33.22 18.38
CA GLN A 927 18.96 -34.39 18.89
C GLN A 927 18.03 -35.48 19.48
N GLN A 928 16.72 -35.27 19.38
CA GLN A 928 15.65 -36.26 19.60
C GLN A 928 15.70 -37.01 20.93
N GLY A 929 16.15 -36.31 21.97
CA GLY A 929 16.27 -36.87 23.32
C GLY A 929 17.69 -37.15 23.76
N LYS A 930 18.48 -37.77 22.87
CA LYS A 930 19.87 -38.14 23.19
C LYS A 930 20.78 -36.92 23.33
N THR A 931 21.81 -37.06 24.16
CA THR A 931 22.71 -35.95 24.48
C THR A 931 23.67 -35.67 23.32
N ASN A 932 24.50 -36.65 22.99
CA ASN A 932 25.51 -36.52 21.93
C ASN A 932 25.02 -37.16 20.63
N ASN A 933 24.09 -36.48 19.96
CA ASN A 933 23.54 -36.93 18.69
C ASN A 933 24.17 -36.15 17.54
N SER A 934 25.43 -36.47 17.25
CA SER A 934 26.17 -35.85 16.14
C SER A 934 25.56 -36.16 14.77
N GLU A 935 25.03 -37.37 14.61
CA GLU A 935 24.39 -37.80 13.36
C GLU A 935 23.38 -36.77 12.84
N LYS A 936 22.43 -36.41 13.71
CA LYS A 936 21.34 -35.49 13.34
C LYS A 936 21.79 -34.03 13.28
N PHE A 937 22.47 -33.57 14.34
CA PHE A 937 22.86 -32.15 14.47
C PHE A 937 23.87 -31.66 13.43
N GLU A 938 24.73 -32.56 12.95
CA GLU A 938 25.66 -32.24 11.85
C GLU A 938 24.92 -32.05 10.51
N ARG A 939 23.86 -32.83 10.30
CA ARG A 939 23.01 -32.72 9.10
C ARG A 939 22.16 -31.44 9.12
N PHE A 940 21.67 -31.08 10.31
CA PHE A 940 20.98 -29.80 10.57
C PHE A 940 21.87 -28.60 10.25
N ARG A 941 23.05 -28.55 10.88
CA ARG A 941 24.07 -27.55 10.56
C ARG A 941 24.43 -27.60 9.07
N GLY A 942 24.45 -28.81 8.52
CA GLY A 942 24.63 -29.00 7.08
C GLY A 942 23.58 -28.33 6.23
N TYR A 943 22.34 -28.32 6.72
CA TYR A 943 21.23 -27.63 6.06
C TYR A 943 21.30 -26.11 6.24
N CYS A 944 21.65 -25.64 7.44
CA CYS A 944 21.80 -24.20 7.69
C CYS A 944 22.89 -23.60 6.81
N GLU A 945 24.01 -24.30 6.70
CA GLU A 945 25.10 -23.90 5.80
C GLU A 945 24.62 -23.83 4.34
N ARG A 946 23.82 -24.82 3.94
CA ARG A 946 23.27 -24.88 2.57
C ARG A 946 22.26 -23.75 2.33
N ALA A 947 21.29 -23.61 3.23
CA ALA A 947 20.27 -22.57 3.16
C ALA A 947 20.91 -21.20 2.99
N TYR A 948 21.83 -20.89 3.89
CA TYR A 948 22.55 -19.62 3.89
C TYR A 948 23.34 -19.39 2.61
N THR A 949 23.95 -20.45 2.10
CA THR A 949 24.77 -20.37 0.89
C THR A 949 23.94 -20.02 -0.33
N ILE A 950 22.79 -20.69 -0.48
CA ILE A 950 21.86 -20.41 -1.55
C ILE A 950 21.38 -18.96 -1.54
N LEU A 951 21.08 -18.43 -0.35
CA LEU A 951 20.67 -17.02 -0.21
C LEU A 951 21.75 -16.00 -0.60
N ARG A 952 23.02 -16.34 -0.37
CA ARG A 952 24.13 -15.48 -0.82
C ARG A 952 24.17 -15.38 -2.33
N ARG A 953 23.93 -16.50 -3.01
CA ARG A 953 23.96 -16.53 -4.48
C ARG A 953 22.94 -15.58 -5.12
N HIS A 954 21.79 -15.39 -4.45
CA HIS A 954 20.80 -14.37 -4.81
C HIS A 954 20.83 -13.20 -3.84
N GLY A 955 22.03 -12.78 -3.47
CA GLY A 955 22.19 -11.69 -2.50
C GLY A 955 21.71 -10.37 -3.06
N LEU A 956 22.24 -9.98 -4.21
CA LEU A 956 21.84 -8.74 -4.88
C LEU A 956 20.31 -8.57 -5.06
N LEU A 957 19.57 -9.67 -5.18
CA LEU A 957 18.11 -9.59 -5.28
C LEU A 957 17.53 -8.96 -4.04
N PHE A 958 17.92 -9.48 -2.87
CA PHE A 958 17.47 -8.92 -1.60
C PHE A 958 17.91 -7.47 -1.43
N LEU A 959 19.12 -7.13 -1.84
CA LEU A 959 19.55 -5.73 -1.77
C LEU A 959 18.70 -4.83 -2.67
N HIS A 960 18.45 -5.29 -3.88
CA HIS A 960 17.66 -4.53 -4.86
C HIS A 960 16.24 -4.33 -4.40
N LEU A 961 15.60 -5.41 -3.91
CA LEU A 961 14.21 -5.31 -3.43
C LEU A 961 14.12 -4.41 -2.20
N PHE A 962 14.98 -4.64 -1.21
CA PHE A 962 15.02 -3.78 -0.03
C PHE A 962 15.33 -2.34 -0.40
N ALA A 963 16.19 -2.13 -1.40
CA ALA A 963 16.50 -0.77 -1.87
C ALA A 963 15.21 -0.06 -2.26
N LEU A 964 14.42 -0.73 -3.10
CA LEU A 964 13.19 -0.14 -3.60
C LEU A 964 12.20 0.19 -2.48
N MET A 965 12.16 -0.65 -1.43
CA MET A 965 11.28 -0.42 -0.28
C MET A 965 11.62 0.77 0.60
N ARG A 966 12.72 1.45 0.36
CA ARG A 966 13.02 2.70 1.07
C ARG A 966 11.93 3.74 0.82
N ALA A 967 11.33 3.67 -0.38
CA ALA A 967 10.12 4.42 -0.75
C ALA A 967 8.97 4.31 0.25
N ALA A 968 8.73 3.12 0.78
CA ALA A 968 7.58 2.86 1.66
C ALA A 968 7.52 3.61 2.99
N GLY A 969 8.60 4.28 3.37
CA GLY A 969 8.63 5.07 4.58
C GLY A 969 8.43 4.32 5.89
N LEU A 970 8.82 3.03 5.92
CA LEU A 970 8.81 2.25 7.16
C LEU A 970 9.95 2.80 8.04
N PRO A 971 9.70 2.96 9.36
CA PRO A 971 10.75 3.58 10.18
C PRO A 971 12.04 2.74 10.26
N GLU A 972 11.92 1.42 10.22
CA GLU A 972 13.08 0.50 10.28
C GLU A 972 13.82 0.28 8.96
N LEU A 973 13.29 0.81 7.85
CA LEU A 973 13.96 0.70 6.53
C LEU A 973 13.87 2.05 5.84
N SER A 974 14.88 2.90 6.09
CA SER A 974 14.87 4.29 5.62
C SER A 974 16.21 4.85 5.09
N CYS A 975 17.25 4.02 5.00
CA CYS A 975 18.58 4.51 4.58
C CYS A 975 19.48 3.39 4.09
N SER A 976 20.64 3.77 3.54
CA SER A 976 21.64 2.80 3.07
C SER A 976 22.25 1.94 4.20
N LYS A 977 22.23 2.43 5.44
CA LYS A 977 22.70 1.68 6.60
C LYS A 977 21.81 0.49 6.95
N ASP A 978 20.50 0.66 6.84
CA ASP A 978 19.53 -0.46 6.99
C ASP A 978 19.73 -1.53 5.91
N ILE A 979 20.17 -1.11 4.72
CA ILE A 979 20.51 -2.02 3.62
C ILE A 979 21.85 -2.69 3.87
N GLN A 980 22.82 -1.91 4.38
CA GLN A 980 24.14 -2.42 4.77
C GLN A 980 24.06 -3.60 5.76
N TYR A 981 23.01 -3.63 6.59
CA TYR A 981 22.75 -4.76 7.47
C TYR A 981 22.70 -6.08 6.70
N LEU A 982 21.97 -6.10 5.58
CA LEU A 982 21.88 -7.30 4.75
C LEU A 982 23.20 -7.64 4.08
N LYS A 983 23.95 -6.62 3.63
CA LYS A 983 25.26 -6.86 3.01
C LYS A 983 26.21 -7.60 3.97
N ASP A 984 26.18 -7.17 5.24
CA ASP A 984 26.97 -7.78 6.30
C ASP A 984 26.44 -9.17 6.68
N SER A 985 25.11 -9.32 6.80
CA SER A 985 24.52 -10.62 7.18
C SER A 985 24.69 -11.69 6.09
N LEU A 986 24.47 -11.32 4.84
CA LEU A 986 24.77 -12.19 3.70
C LEU A 986 26.27 -12.26 3.36
N ALA A 987 27.09 -11.39 3.98
CA ALA A 987 28.55 -11.41 3.80
C ALA A 987 28.97 -11.29 2.33
N LEU A 988 28.29 -10.40 1.60
CA LEU A 988 28.47 -10.29 0.13
C LEU A 988 29.88 -9.88 -0.31
N GLY A 989 30.56 -9.06 0.50
CA GLY A 989 31.91 -8.57 0.17
C GLY A 989 33.05 -9.57 0.31
N LYS A 990 32.79 -10.67 1.01
CA LYS A 990 33.75 -11.75 1.20
C LYS A 990 33.51 -12.85 0.16
N THR A 991 34.52 -13.68 -0.09
CA THR A 991 34.39 -14.85 -0.96
C THR A 991 33.42 -15.88 -0.37
N GLU A 992 33.03 -16.88 -1.17
CA GLU A 992 32.11 -17.93 -0.71
C GLU A 992 32.70 -18.76 0.44
N GLU A 993 33.99 -19.09 0.34
CA GLU A 993 34.73 -19.74 1.43
C GLU A 993 34.77 -18.88 2.71
N GLU A 994 35.02 -17.58 2.53
CA GLU A 994 35.13 -16.64 3.65
C GLU A 994 33.80 -16.43 4.35
N ALA A 995 32.73 -16.25 3.57
CA ALA A 995 31.38 -16.14 4.11
C ALA A 995 30.92 -17.41 4.82
N LEU A 996 31.23 -18.56 4.23
CA LEU A 996 30.85 -19.87 4.79
C LEU A 996 31.54 -20.13 6.15
N LYS A 997 32.80 -19.74 6.28
CA LYS A 997 33.52 -19.86 7.57
C LYS A 997 33.03 -18.82 8.57
N HIS A 998 32.80 -17.59 8.10
CA HIS A 998 32.19 -16.53 8.91
C HIS A 998 30.84 -16.99 9.50
N PHE A 999 29.99 -17.59 8.66
CA PHE A 999 28.74 -18.20 9.13
C PHE A 999 28.96 -19.36 10.12
N ARG A 1000 29.96 -20.19 9.85
CA ARG A 1000 30.32 -21.28 10.77
C ARG A 1000 30.75 -20.76 12.15
N VAL A 1001 31.50 -19.65 12.16
CA VAL A 1001 31.92 -19.01 13.42
C VAL A 1001 30.69 -18.49 14.17
N LYS A 1002 29.82 -17.76 13.47
CA LYS A 1002 28.58 -17.25 14.06
C LYS A 1002 27.67 -18.38 14.56
N PHE A 1003 27.62 -19.50 13.82
CA PHE A 1003 26.88 -20.68 14.24
C PHE A 1003 27.38 -21.18 15.59
N ASN A 1004 28.68 -21.43 15.65
CA ASN A 1004 29.35 -21.95 16.86
C ASN A 1004 29.33 -20.98 18.03
N GLU A 1005 29.44 -19.68 17.74
CA GLU A 1005 29.15 -18.63 18.73
C GLU A 1005 27.73 -18.75 19.32
N ALA A 1006 26.75 -19.09 18.49
CA ALA A 1006 25.40 -19.40 18.97
C ALA A 1006 25.37 -20.69 19.81
N LEU A 1007 26.06 -21.72 19.33
CA LEU A 1007 26.10 -23.03 20.00
C LEU A 1007 26.73 -22.98 21.40
N ARG A 1008 27.68 -22.06 21.60
CA ARG A 1008 28.20 -21.73 22.94
C ARG A 1008 27.11 -21.10 23.82
N GLU A 1009 26.50 -20.04 23.32
CA GLU A 1009 25.50 -19.25 24.08
C GLU A 1009 24.20 -20.02 24.37
N SER A 1010 23.92 -21.05 23.56
CA SER A 1010 22.90 -22.06 23.87
C SER A 1010 23.03 -22.58 25.31
N TRP A 1011 24.23 -23.05 25.64
CA TRP A 1011 24.52 -23.60 26.96
C TRP A 1011 24.65 -22.49 28.01
N VAL B 436 30.91 23.43 23.42
CA VAL B 436 29.50 22.97 23.64
C VAL B 436 29.35 22.28 24.99
N VAL B 437 30.34 21.44 25.36
CA VAL B 437 30.36 20.77 26.66
C VAL B 437 30.80 21.79 27.71
N LYS B 438 29.97 21.98 28.75
CA LYS B 438 30.20 23.01 29.78
C LYS B 438 30.74 22.44 31.12
N GLU B 439 31.34 21.24 31.07
CA GLU B 439 31.83 20.53 32.25
C GLU B 439 33.26 20.04 32.06
N ASP B 440 33.95 19.80 33.16
CA ASP B 440 35.39 19.52 33.19
C ASP B 440 35.74 18.04 33.33
N ASN B 441 35.10 17.39 34.31
CA ASN B 441 35.42 16.01 34.66
C ASN B 441 34.37 15.02 34.16
N ILE B 442 34.84 13.82 33.82
CA ILE B 442 34.01 12.72 33.30
C ILE B 442 32.66 12.59 34.03
N GLU B 443 32.74 12.42 35.35
CA GLU B 443 31.56 12.11 36.16
C GLU B 443 30.51 13.24 36.11
N ALA B 444 30.99 14.49 36.15
CA ALA B 444 30.11 15.65 35.98
C ALA B 444 29.49 15.69 34.59
N VAL B 445 30.34 15.52 33.56
CA VAL B 445 29.88 15.47 32.17
C VAL B 445 28.85 14.37 31.97
N GLY B 446 29.10 13.20 32.56
CA GLY B 446 28.19 12.06 32.48
C GLY B 446 26.85 12.30 33.13
N LYS B 447 26.86 12.95 34.29
CA LYS B 447 25.62 13.36 34.97
C LYS B 447 24.76 14.27 34.08
N LYS B 448 25.39 15.22 33.39
CA LYS B 448 24.68 16.12 32.45
C LYS B 448 24.17 15.37 31.23
N LEU B 449 25.01 14.55 30.62
CA LEU B 449 24.59 13.63 29.55
C LEU B 449 23.27 12.92 29.92
N HIS B 450 23.15 12.46 31.17
CA HIS B 450 21.91 11.85 31.64
C HIS B 450 20.72 12.82 31.67
N GLU B 451 20.96 14.06 32.09
CA GLU B 451 19.92 15.09 32.14
C GLU B 451 19.42 15.42 30.73
N TYR B 452 20.35 15.73 29.83
CA TYR B 452 20.02 16.03 28.46
C TYR B 452 19.33 14.88 27.73
N ASN B 453 19.77 13.65 27.95
CA ASN B 453 19.09 12.48 27.37
C ASN B 453 17.67 12.28 27.93
N THR B 454 17.50 12.53 29.22
CA THR B 454 16.18 12.47 29.85
C THR B 454 15.27 13.61 29.35
N GLN B 455 15.83 14.81 29.26
CA GLN B 455 15.15 15.95 28.65
C GLN B 455 14.77 15.70 27.19
N PHE B 456 15.69 15.08 26.45
CA PHE B 456 15.45 14.76 25.04
C PHE B 456 14.30 13.78 24.88
N GLN B 457 14.35 12.70 25.67
CA GLN B 457 13.34 11.63 25.60
C GLN B 457 11.94 12.09 26.04
N GLU B 458 11.89 12.99 27.03
CA GLU B 458 10.64 13.58 27.48
C GLU B 458 10.01 14.50 26.42
N LYS B 459 10.85 15.31 25.78
CA LYS B 459 10.42 16.26 24.74
C LYS B 459 9.99 15.51 23.49
N SER B 460 10.83 14.56 23.08
CA SER B 460 10.55 13.68 21.93
C SER B 460 9.22 12.93 22.07
N ARG B 461 8.85 12.62 23.31
CA ARG B 461 7.55 12.00 23.63
C ARG B 461 6.40 13.01 23.53
N GLU B 462 6.63 14.24 23.98
CA GLU B 462 5.61 15.30 23.91
C GLU B 462 5.26 15.62 22.46
N TYR B 463 6.28 15.66 21.59
CA TYR B 463 6.08 15.86 20.15
C TYR B 463 5.25 14.72 19.55
N ASP B 464 5.64 13.49 19.83
CA ASP B 464 4.91 12.28 19.34
C ASP B 464 3.46 12.24 19.82
N ARG B 465 3.20 12.75 21.02
CA ARG B 465 1.85 12.86 21.57
C ARG B 465 1.03 13.88 20.76
N LEU B 466 1.60 15.07 20.56
CA LEU B 466 0.99 16.11 19.72
C LEU B 466 0.86 15.72 18.24
N TYR B 467 1.75 14.88 17.72
CA TYR B 467 1.64 14.39 16.34
C TYR B 467 0.45 13.44 16.14
N GLU B 468 0.05 12.72 17.19
CA GLU B 468 -1.13 11.86 17.13
C GLU B 468 -2.38 12.73 17.06
N ASP B 469 -2.43 13.74 17.92
CA ASP B 469 -3.50 14.73 17.92
C ASP B 469 -3.62 15.44 16.58
N TYR B 470 -2.49 15.97 16.11
CA TYR B 470 -2.39 16.66 14.82
C TYR B 470 -2.99 15.85 13.68
N THR B 471 -2.53 14.61 13.51
CA THR B 471 -2.92 13.80 12.35
C THR B 471 -4.37 13.32 12.43
N ARG B 472 -4.79 12.90 13.62
CA ARG B 472 -6.19 12.54 13.88
C ARG B 472 -7.14 13.71 13.55
N THR B 473 -6.70 14.92 13.87
CA THR B 473 -7.46 16.13 13.61
C THR B 473 -7.59 16.39 12.10
N SER B 474 -6.48 16.29 11.36
CA SER B 474 -6.53 16.34 9.89
C SER B 474 -7.58 15.37 9.33
N GLN B 475 -7.55 14.14 9.82
CA GLN B 475 -8.50 13.09 9.41
C GLN B 475 -9.95 13.54 9.67
N GLU B 476 -10.22 14.00 10.89
CA GLU B 476 -11.53 14.49 11.28
C GLU B 476 -11.98 15.70 10.45
N ILE B 477 -11.06 16.64 10.24
CA ILE B 477 -11.31 17.80 9.38
C ILE B 477 -11.67 17.36 7.97
N GLN B 478 -10.89 16.45 7.40
CA GLN B 478 -11.17 15.94 6.05
C GLN B 478 -12.57 15.32 5.97
N MET B 479 -12.98 14.64 7.04
CA MET B 479 -14.31 14.04 7.14
C MET B 479 -15.40 15.09 7.14
N LYS B 480 -15.25 16.08 8.01
CA LYS B 480 -16.19 17.18 8.11
C LYS B 480 -16.30 17.90 6.76
N ARG B 481 -15.15 18.15 6.15
CA ARG B 481 -15.08 18.83 4.86
C ARG B 481 -15.90 18.14 3.75
N THR B 482 -15.89 16.80 3.73
CA THR B 482 -16.71 16.05 2.79
C THR B 482 -18.19 16.02 3.20
N ALA B 483 -18.45 15.94 4.50
CA ALA B 483 -19.82 15.98 5.03
C ALA B 483 -20.55 17.28 4.62
N ILE B 484 -19.84 18.40 4.66
CA ILE B 484 -20.35 19.66 4.13
C ILE B 484 -20.65 19.52 2.62
N GLU B 485 -19.76 18.88 1.87
CA GLU B 485 -20.01 18.61 0.44
C GLU B 485 -21.29 17.79 0.24
N ALA B 486 -21.55 16.85 1.15
CA ALA B 486 -22.74 16.01 1.11
C ALA B 486 -24.01 16.81 1.44
N PHE B 487 -23.91 17.70 2.42
CA PHE B 487 -24.99 18.63 2.72
C PHE B 487 -25.29 19.50 1.50
N ASN B 488 -24.25 20.14 0.96
CA ASN B 488 -24.37 20.98 -0.22
C ASN B 488 -25.09 20.29 -1.36
N GLU B 489 -24.64 19.07 -1.64
CA GLU B 489 -25.19 18.28 -2.72
C GLU B 489 -26.61 17.77 -2.42
N THR B 490 -26.94 17.63 -1.13
CA THR B 490 -28.31 17.26 -0.73
C THR B 490 -29.24 18.45 -0.87
N ILE B 491 -28.79 19.61 -0.41
CA ILE B 491 -29.56 20.86 -0.52
C ILE B 491 -29.83 21.18 -1.99
N LYS B 492 -28.83 21.00 -2.84
CA LYS B 492 -28.96 21.11 -4.28
C LYS B 492 -30.13 20.24 -4.79
N ILE B 493 -30.16 18.97 -4.39
CA ILE B 493 -31.27 18.08 -4.73
C ILE B 493 -32.64 18.59 -4.23
N PHE B 494 -32.68 19.19 -3.03
CA PHE B 494 -33.93 19.76 -2.50
C PHE B 494 -34.40 20.97 -3.30
N GLU B 495 -33.45 21.76 -3.81
CA GLU B 495 -33.75 22.95 -4.59
C GLU B 495 -34.20 22.54 -6.01
N GLU B 496 -33.69 21.41 -6.53
CA GLU B 496 -34.22 20.85 -7.79
C GLU B 496 -35.71 20.50 -7.67
N GLN B 497 -36.12 19.98 -6.50
CA GLN B 497 -37.56 19.74 -6.21
C GLN B 497 -38.36 21.03 -6.21
N CYS B 498 -37.82 22.05 -5.52
CA CYS B 498 -38.49 23.35 -5.45
C CYS B 498 -38.70 23.96 -6.84
N GLN B 499 -37.69 23.89 -7.70
CA GLN B 499 -37.83 24.32 -9.08
C GLN B 499 -38.96 23.54 -9.75
N THR B 500 -38.94 22.21 -9.60
CA THR B 500 -39.91 21.34 -10.25
C THR B 500 -41.34 21.62 -9.81
N GLN B 501 -41.57 21.69 -8.50
CA GLN B 501 -42.96 21.90 -8.01
C GLN B 501 -43.49 23.23 -8.50
N GLU B 502 -42.68 24.28 -8.43
CA GLU B 502 -43.07 25.58 -8.96
C GLU B 502 -43.52 25.48 -10.42
N ARG B 503 -42.65 24.96 -11.28
CA ARG B 503 -42.99 24.80 -12.70
C ARG B 503 -44.22 23.92 -12.90
N TYR B 504 -44.16 22.70 -12.37
CA TYR B 504 -45.20 21.68 -12.54
C TYR B 504 -46.57 22.10 -12.01
N SER B 505 -46.58 22.70 -10.82
CA SER B 505 -47.79 23.27 -10.22
C SER B 505 -48.46 24.24 -11.20
N LYS B 506 -47.68 25.23 -11.65
CA LYS B 506 -48.14 26.24 -12.59
C LYS B 506 -48.74 25.62 -13.86
N GLU B 507 -48.00 24.69 -14.46
CA GLU B 507 -48.46 23.97 -15.67
C GLU B 507 -49.72 23.16 -15.42
N TYR B 508 -49.75 22.45 -14.30
CA TYR B 508 -50.90 21.63 -13.90
C TYR B 508 -52.16 22.46 -13.72
N ILE B 509 -52.03 23.55 -12.94
CA ILE B 509 -53.14 24.48 -12.66
C ILE B 509 -53.74 25.05 -13.95
N GLU B 510 -52.87 25.38 -14.91
CA GLU B 510 -53.29 25.94 -16.21
C GLU B 510 -53.99 24.93 -17.12
N LYS B 511 -53.53 23.68 -17.13
CA LYS B 511 -54.17 22.61 -17.90
C LYS B 511 -55.57 22.26 -17.37
N PHE B 512 -55.71 22.22 -16.04
CA PHE B 512 -56.99 21.94 -15.39
C PHE B 512 -57.62 23.20 -14.77
N LYS B 513 -57.30 24.36 -15.35
CA LYS B 513 -58.09 25.61 -15.23
C LYS B 513 -58.18 26.32 -13.86
N ARG B 514 -57.98 25.60 -12.76
CA ARG B 514 -58.16 26.14 -11.39
C ARG B 514 -59.60 26.60 -11.10
N GLU B 515 -60.56 26.13 -11.90
CA GLU B 515 -61.89 26.73 -11.96
C GLU B 515 -62.79 26.17 -10.86
N GLY B 516 -63.56 25.11 -11.16
CA GLY B 516 -64.38 24.42 -10.17
C GLY B 516 -63.50 23.60 -9.23
N ASN B 517 -62.51 22.91 -9.81
CA ASN B 517 -61.47 22.24 -9.04
C ASN B 517 -60.43 23.23 -8.49
N GLU B 518 -60.54 23.54 -7.20
CA GLU B 518 -59.51 24.27 -6.44
C GLU B 518 -59.16 23.63 -5.07
N THR B 519 -59.63 22.40 -4.84
CA THR B 519 -59.46 21.71 -3.55
C THR B 519 -58.00 21.22 -3.36
N GLU B 520 -57.40 20.75 -4.45
CA GLU B 520 -56.04 20.23 -4.44
C GLU B 520 -54.94 21.30 -4.50
N ILE B 521 -55.31 22.57 -4.67
CA ILE B 521 -54.35 23.68 -4.69
C ILE B 521 -53.82 24.01 -3.29
N GLN B 522 -54.73 24.09 -2.31
CA GLN B 522 -54.34 24.34 -0.91
C GLN B 522 -53.54 23.17 -0.32
N ARG B 523 -53.84 21.97 -0.80
CA ARG B 523 -53.07 20.77 -0.47
C ARG B 523 -51.68 20.89 -1.05
N ILE B 524 -51.63 21.13 -2.37
CA ILE B 524 -50.36 21.23 -3.11
C ILE B 524 -49.46 22.30 -2.51
N MET B 525 -50.05 23.43 -2.18
CA MET B 525 -49.33 24.51 -1.51
C MET B 525 -48.92 24.15 -0.09
N HIS B 526 -49.75 23.43 0.67
CA HIS B 526 -49.37 23.07 2.05
C HIS B 526 -48.23 22.04 2.10
N ASN B 527 -48.26 21.11 1.16
CA ASN B 527 -47.16 20.18 0.97
C ASN B 527 -45.84 20.90 0.71
N TYR B 528 -45.92 21.93 -0.12
CA TYR B 528 -44.77 22.74 -0.47
C TYR B 528 -44.25 23.58 0.70
N GLU B 529 -45.10 23.90 1.68
CA GLU B 529 -44.67 24.58 2.92
C GLU B 529 -43.82 23.63 3.74
N LYS B 530 -44.24 22.37 3.80
CA LYS B 530 -43.48 21.32 4.48
C LYS B 530 -42.11 21.13 3.80
N LEU B 531 -42.10 21.11 2.48
CA LEU B 531 -40.86 20.97 1.69
C LEU B 531 -39.85 22.07 2.06
N LYS B 532 -40.29 23.33 1.94
CA LYS B 532 -39.49 24.50 2.35
C LYS B 532 -39.06 24.43 3.82
N SER B 533 -39.94 23.94 4.68
CA SER B 533 -39.67 23.90 6.13
C SER B 533 -38.57 22.88 6.49
N ARG B 534 -38.59 21.73 5.80
CA ARG B 534 -37.53 20.73 5.90
C ARG B 534 -36.18 21.24 5.42
N ILE B 535 -36.17 22.11 4.41
CA ILE B 535 -34.94 22.66 3.87
C ILE B 535 -34.20 23.57 4.86
N SER B 536 -34.96 24.27 5.72
CA SER B 536 -34.35 25.12 6.75
C SER B 536 -33.59 24.28 7.77
N GLU B 537 -34.21 23.18 8.20
CA GLU B 537 -33.61 22.24 9.17
C GLU B 537 -32.27 21.72 8.66
N ILE B 538 -32.26 21.28 7.41
CA ILE B 538 -31.06 20.79 6.74
C ILE B 538 -30.02 21.92 6.56
N VAL B 539 -30.44 23.07 6.04
CA VAL B 539 -29.57 24.25 5.96
C VAL B 539 -28.94 24.61 7.31
N ASP B 540 -29.73 24.49 8.38
CA ASP B 540 -29.25 24.76 9.74
C ASP B 540 -28.19 23.77 10.20
N SER B 541 -28.33 22.50 9.82
CA SER B 541 -27.38 21.48 10.22
C SER B 541 -26.05 21.74 9.56
N ARG B 542 -26.06 21.97 8.24
CA ARG B 542 -24.85 22.40 7.52
C ARG B 542 -24.17 23.55 8.28
N ARG B 543 -24.97 24.50 8.75
CA ARG B 543 -24.47 25.67 9.50
C ARG B 543 -23.82 25.24 10.82
N ARG B 544 -24.41 24.26 11.52
CA ARG B 544 -23.82 23.71 12.75
C ARG B 544 -22.51 22.98 12.49
N LEU B 545 -22.44 22.19 11.43
CA LEU B 545 -21.19 21.50 11.05
C LEU B 545 -20.10 22.48 10.68
N GLU B 546 -20.44 23.52 9.91
CA GLU B 546 -19.48 24.56 9.52
C GLU B 546 -18.83 25.23 10.74
N GLU B 547 -19.63 25.43 11.79
CA GLU B 547 -19.15 25.97 13.06
C GLU B 547 -18.28 24.96 13.81
N ASP B 548 -18.60 23.67 13.70
CA ASP B 548 -17.68 22.62 14.16
C ASP B 548 -16.37 22.77 13.40
N LEU B 549 -16.37 22.51 12.10
CA LEU B 549 -15.17 22.62 11.25
C LEU B 549 -14.28 23.83 11.56
N LYS B 550 -14.91 24.98 11.84
CA LYS B 550 -14.20 26.22 12.16
C LYS B 550 -13.48 26.14 13.52
N LYS B 551 -14.13 25.57 14.53
CA LYS B 551 -13.53 25.38 15.85
C LYS B 551 -12.38 24.37 15.79
N GLN B 552 -12.60 23.25 15.11
CA GLN B 552 -11.56 22.24 14.90
C GLN B 552 -10.38 22.77 14.09
N ALA B 553 -10.65 23.55 13.04
CA ALA B 553 -9.59 24.13 12.20
C ALA B 553 -8.64 25.02 13.00
N ALA B 554 -9.19 25.76 13.97
CA ALA B 554 -8.40 26.62 14.85
C ALA B 554 -7.60 25.80 15.89
N GLU B 555 -8.14 24.67 16.34
CA GLU B 555 -7.40 23.73 17.21
C GLU B 555 -6.23 23.13 16.44
N TYR B 556 -6.50 22.62 15.24
CA TYR B 556 -5.47 22.12 14.31
C TYR B 556 -4.28 23.06 14.15
N ARG B 557 -4.55 24.34 13.98
CA ARG B 557 -3.50 25.36 13.85
C ARG B 557 -2.73 25.58 15.16
N GLU B 558 -3.44 25.46 16.30
CA GLU B 558 -2.81 25.57 17.62
C GLU B 558 -1.93 24.36 17.93
N ILE B 559 -2.33 23.18 17.45
CA ILE B 559 -1.48 22.00 17.51
C ILE B 559 -0.21 22.23 16.68
N ASP B 560 -0.37 22.70 15.45
CA ASP B 560 0.79 22.94 14.57
C ASP B 560 1.73 24.03 15.09
N LYS B 561 1.17 25.03 15.78
CA LYS B 561 1.98 26.06 16.45
C LYS B 561 2.81 25.46 17.58
N ARG B 562 2.18 24.64 18.42
CA ARG B 562 2.85 23.96 19.54
C ARG B 562 4.02 23.07 19.11
N MET B 563 3.85 22.33 18.02
CA MET B 563 4.89 21.42 17.53
C MET B 563 6.05 22.15 16.86
N ASN B 564 5.77 23.24 16.16
CA ASN B 564 6.83 24.09 15.56
C ASN B 564 7.69 24.87 16.57
N SER B 565 7.21 25.01 17.80
CA SER B 565 8.01 25.55 18.92
C SER B 565 8.79 24.44 19.64
N ILE B 566 8.23 23.23 19.68
CA ILE B 566 8.97 22.06 20.18
C ILE B 566 10.15 21.72 19.28
N LYS B 567 9.93 21.68 17.96
CA LYS B 567 10.95 21.25 16.98
C LYS B 567 12.36 21.78 17.25
N PRO B 568 12.53 23.12 17.36
CA PRO B 568 13.89 23.61 17.62
C PRO B 568 14.53 23.14 18.94
N ASP B 569 13.72 22.91 19.98
CA ASP B 569 14.22 22.38 21.25
C ASP B 569 14.67 20.93 21.08
N LEU B 570 13.82 20.14 20.42
CA LEU B 570 14.13 18.74 20.15
C LEU B 570 15.43 18.58 19.38
N ILE B 571 15.65 19.43 18.37
CA ILE B 571 16.87 19.36 17.56
C ILE B 571 18.14 19.70 18.37
N GLN B 572 18.06 20.73 19.21
CA GLN B 572 19.20 21.19 20.00
C GLN B 572 19.56 20.18 21.09
N LEU B 573 18.54 19.64 21.75
CA LEU B 573 18.74 18.59 22.76
C LEU B 573 19.37 17.33 22.15
N ARG B 574 19.00 16.99 20.92
CA ARG B 574 19.64 15.87 20.22
C ARG B 574 21.10 16.20 19.97
N LYS B 575 21.37 17.38 19.43
CA LYS B 575 22.73 17.81 19.10
C LYS B 575 23.60 17.96 20.35
N THR B 576 23.01 18.40 21.47
CA THR B 576 23.73 18.50 22.74
C THR B 576 24.04 17.12 23.30
N ARG B 577 23.05 16.23 23.33
CA ARG B 577 23.23 14.83 23.75
C ARG B 577 24.41 14.18 23.03
N ASP B 578 24.43 14.32 21.70
CA ASP B 578 25.50 13.73 20.87
C ASP B 578 26.87 14.31 21.20
N GLN B 579 26.97 15.64 21.33
CA GLN B 579 28.24 16.30 21.75
C GLN B 579 28.80 15.72 23.04
N TYR B 580 27.94 15.45 24.00
CA TYR B 580 28.35 14.85 25.28
C TYR B 580 28.83 13.41 25.07
N LEU B 581 28.05 12.61 24.33
CA LEU B 581 28.46 11.25 23.98
C LEU B 581 29.83 11.25 23.30
N MET B 582 30.05 12.22 22.43
CA MET B 582 31.35 12.38 21.78
C MET B 582 32.42 12.66 22.84
N TRP B 583 32.25 13.76 23.57
CA TRP B 583 33.20 14.20 24.59
C TRP B 583 33.68 13.04 25.47
N LEU B 584 32.73 12.26 25.98
CA LEU B 584 33.04 11.14 26.86
C LEU B 584 33.78 10.02 26.11
N THR B 585 33.34 9.71 24.89
CA THR B 585 34.00 8.70 24.05
C THR B 585 35.43 9.10 23.71
N GLN B 586 35.65 10.38 23.40
CA GLN B 586 36.99 10.90 23.12
C GLN B 586 37.89 10.69 24.33
N LYS B 587 37.32 10.87 25.53
CA LYS B 587 38.06 10.68 26.77
C LYS B 587 38.22 9.22 27.22
N GLY B 588 37.63 8.29 26.47
CA GLY B 588 37.78 6.86 26.72
C GLY B 588 36.87 6.28 27.78
N VAL B 589 35.86 7.03 28.20
CA VAL B 589 34.88 6.55 29.16
C VAL B 589 34.21 5.28 28.62
N ARG B 590 34.01 4.32 29.50
CA ARG B 590 33.62 2.97 29.13
C ARG B 590 32.14 2.95 28.79
N GLN B 591 31.77 2.06 27.87
CA GLN B 591 30.38 1.92 27.42
C GLN B 591 29.42 1.61 28.57
N LYS B 592 29.87 0.84 29.56
CA LYS B 592 29.05 0.54 30.74
C LYS B 592 28.58 1.81 31.45
N LYS B 593 29.50 2.76 31.66
CA LYS B 593 29.15 4.05 32.26
C LYS B 593 28.22 4.87 31.36
N LEU B 594 28.45 4.84 30.04
CA LEU B 594 27.57 5.55 29.11
C LEU B 594 26.16 4.96 29.07
N ASN B 595 26.06 3.63 29.05
CA ASN B 595 24.75 2.94 29.08
C ASN B 595 23.97 3.27 30.35
N GLU B 596 24.66 3.30 31.49
CA GLU B 596 24.07 3.73 32.75
C GLU B 596 23.55 5.18 32.68
N TRP B 597 24.34 6.07 32.09
CA TRP B 597 23.92 7.46 31.92
C TRP B 597 22.81 7.68 30.88
N LEU B 598 22.65 6.75 29.92
CA LEU B 598 21.57 6.86 28.91
C LEU B 598 20.24 6.21 29.36
N GLY B 599 20.28 5.41 30.42
CA GLY B 599 19.07 4.82 31.01
C GLY B 599 18.25 5.82 31.81
#